data_4OGG
#
_entry.id   4OGG
#
_cell.length_a   83.685
_cell.length_b   92.922
_cell.length_c   138.242
_cell.angle_alpha   90.000
_cell.angle_beta   90.000
_cell.angle_gamma   90.000
#
_symmetry.space_group_name_H-M   'P 21 21 21'
#
loop_
_entity.id
_entity.type
_entity.pdbx_description
1 polymer 'Protein DJ-1 homolog D'
2 water water
#
_entity_poly.entity_id   1
_entity_poly.type   'polypeptide(L)'
_entity_poly.pdbx_seq_one_letter_code
;NSRTVLILCGDYMEDYEVMVPFQALQAFGITVHTVCPGKKAGDSCPTAVHDFCGHQTYFESRGHNFTLNATFDEVDLSKY
DGLVIPGGRAPEYLALTASVVELVKEFSRSGKPIASI(CGV)HGQLILAAADTVNGRKCTAYATVGPSLVAAGAKWVEPI
TPDVCVVDGSLITAATYEGHPEFIQLFVKALGGKITGANKRILFLCGDYMEDYEVKVPFQSLQALGCQVDAVCPEKKAGD
RCPTAIHDFEGDQTYSEKPGHTFALTTNFDDLVSSSYDALVIPGGRAPEYLALNEHVLNIVKEFMNSEKPVASI(CGV)H
GQQILAAAGVLKGRKCTAYPAVKLNVVLGGGTWLEPDPIDRCFTDGNLVTGAAWPGHPEFVSQLMALLGIQVSFHH
;
_entity_poly.pdbx_strand_id   A,B,C
#
# COMPACT_ATOMS: atom_id res chain seq x y z
N ASN A 1 9.49 -4.83 -38.65
CA ASN A 1 9.59 -4.50 -40.09
C ASN A 1 8.23 -4.48 -40.77
N SER A 2 8.18 -3.83 -41.94
CA SER A 2 6.96 -3.73 -42.74
C SER A 2 5.91 -2.81 -42.14
N ARG A 3 5.78 -2.81 -40.81
CA ARG A 3 4.81 -1.95 -40.15
C ARG A 3 5.37 -1.28 -38.91
N THR A 4 4.95 -0.05 -38.69
CA THR A 4 5.39 0.72 -37.52
C THR A 4 4.15 1.35 -36.88
N VAL A 5 4.02 1.16 -35.57
CA VAL A 5 2.88 1.66 -34.83
C VAL A 5 3.28 2.60 -33.68
N LEU A 6 2.41 3.57 -33.40
CA LEU A 6 2.64 4.53 -32.33
C LEU A 6 1.64 4.29 -31.20
N ILE A 7 2.12 4.30 -29.96
CA ILE A 7 1.23 4.13 -28.81
C ILE A 7 1.24 5.44 -28.03
N LEU A 8 0.05 6.02 -27.90
CA LEU A 8 -0.12 7.27 -27.18
C LEU A 8 -0.19 7.00 -25.68
N CYS A 9 0.93 7.20 -24.99
CA CYS A 9 1.04 6.96 -23.55
C CYS A 9 0.84 8.19 -22.68
N GLY A 10 0.64 7.93 -21.40
CA GLY A 10 0.45 9.00 -20.44
C GLY A 10 0.59 8.48 -19.03
N ASP A 11 0.78 9.37 -18.08
CA ASP A 11 0.92 8.95 -16.70
C ASP A 11 -0.38 8.33 -16.20
N TYR A 12 -0.25 7.17 -15.57
CA TYR A 12 -1.37 6.39 -15.04
C TYR A 12 -2.27 5.74 -16.07
N MET A 13 -1.70 5.47 -17.24
CA MET A 13 -2.43 4.75 -18.27
C MET A 13 -2.47 3.37 -17.61
N GLU A 14 -3.43 2.52 -17.99
CA GLU A 14 -3.53 1.19 -17.39
C GLU A 14 -2.36 0.30 -17.85
N ASP A 15 -1.64 -0.25 -16.88
CA ASP A 15 -0.46 -1.09 -17.13
C ASP A 15 -0.63 -2.18 -18.18
N TYR A 16 -1.71 -2.95 -18.10
CA TYR A 16 -1.93 -3.99 -19.11
C TYR A 16 -2.22 -3.39 -20.47
N GLU A 17 -2.98 -2.29 -20.48
CA GLU A 17 -3.37 -1.67 -21.72
C GLU A 17 -2.27 -1.05 -22.56
N VAL A 18 -1.11 -0.84 -21.95
CA VAL A 18 0.02 -0.34 -22.72
C VAL A 18 1.00 -1.49 -22.99
N MET A 19 1.30 -2.27 -21.96
CA MET A 19 2.27 -3.36 -22.12
C MET A 19 1.84 -4.53 -23.00
N VAL A 20 0.59 -4.96 -22.91
CA VAL A 20 0.17 -6.08 -23.75
C VAL A 20 0.29 -5.73 -25.24
N PRO A 21 -0.31 -4.62 -25.70
CA PRO A 21 -0.15 -4.35 -27.13
C PRO A 21 1.30 -4.00 -27.51
N PHE A 22 2.01 -3.31 -26.63
CA PHE A 22 3.39 -2.95 -26.92
C PHE A 22 4.23 -4.18 -27.22
N GLN A 23 4.10 -5.20 -26.37
CA GLN A 23 4.89 -6.41 -26.57
C GLN A 23 4.28 -7.40 -27.56
N ALA A 24 2.96 -7.47 -27.62
CA ALA A 24 2.32 -8.38 -28.56
C ALA A 24 2.63 -7.97 -29.99
N LEU A 25 2.46 -6.69 -30.31
CA LEU A 25 2.71 -6.21 -31.65
C LEU A 25 4.17 -6.42 -32.06
N GLN A 26 5.09 -6.20 -31.12
CA GLN A 26 6.50 -6.42 -31.42
C GLN A 26 6.74 -7.88 -31.72
N ALA A 27 6.12 -8.76 -30.93
CA ALA A 27 6.28 -10.20 -31.12
C ALA A 27 5.82 -10.58 -32.52
N PHE A 28 4.83 -9.86 -33.03
CA PHE A 28 4.29 -10.12 -34.35
C PHE A 28 5.11 -9.52 -35.48
N GLY A 29 6.21 -8.86 -35.14
CA GLY A 29 7.08 -8.28 -36.15
C GLY A 29 6.82 -6.82 -36.49
N ILE A 30 6.08 -6.14 -35.64
CA ILE A 30 5.74 -4.73 -35.84
C ILE A 30 6.63 -3.83 -34.98
N THR A 31 7.16 -2.76 -35.57
CA THR A 31 7.98 -1.82 -34.83
C THR A 31 7.02 -0.90 -34.07
N VAL A 32 7.20 -0.79 -32.76
CA VAL A 32 6.32 0.02 -31.94
C VAL A 32 7.06 1.12 -31.19
N HIS A 33 6.54 2.34 -31.29
CA HIS A 33 7.11 3.47 -30.59
C HIS A 33 6.12 3.95 -29.54
N THR A 34 6.62 4.28 -28.36
CA THR A 34 5.78 4.76 -27.26
C THR A 34 6.17 6.20 -26.91
N VAL A 35 5.18 7.07 -26.84
CA VAL A 35 5.40 8.48 -26.53
C VAL A 35 4.38 9.06 -25.55
N CYS A 36 4.81 10.13 -24.87
CA CYS A 36 3.96 10.84 -23.91
C CYS A 36 4.31 12.31 -24.06
N PRO A 37 3.29 13.18 -24.21
CA PRO A 37 3.60 14.61 -24.35
C PRO A 37 4.39 15.14 -23.17
N GLY A 38 5.42 15.94 -23.46
CA GLY A 38 6.23 16.50 -22.39
C GLY A 38 7.36 15.61 -21.92
N LYS A 39 7.45 14.41 -22.49
CA LYS A 39 8.49 13.47 -22.12
C LYS A 39 9.28 12.99 -23.33
N LYS A 40 10.47 12.49 -23.08
CA LYS A 40 11.33 12.01 -24.17
C LYS A 40 11.68 10.54 -23.99
N ALA A 41 12.24 9.95 -25.05
CA ALA A 41 12.63 8.55 -25.01
C ALA A 41 13.52 8.33 -23.78
N GLY A 42 13.27 7.25 -23.06
CA GLY A 42 14.06 6.98 -21.88
C GLY A 42 13.36 7.39 -20.59
N ASP A 43 12.41 8.31 -20.69
CA ASP A 43 11.68 8.76 -19.53
C ASP A 43 10.67 7.69 -19.16
N SER A 44 10.14 7.75 -17.94
CA SER A 44 9.18 6.76 -17.50
C SER A 44 7.84 7.38 -17.12
N CYS A 45 6.80 6.55 -17.20
CA CYS A 45 5.44 6.95 -16.86
C CYS A 45 4.92 6.00 -15.80
N PRO A 46 4.25 6.51 -14.75
CA PRO A 46 3.75 5.58 -13.75
C PRO A 46 2.51 4.95 -14.40
N THR A 47 2.16 3.72 -14.03
CA THR A 47 0.99 3.07 -14.59
C THR A 47 0.00 2.73 -13.49
N ALA A 48 -1.24 2.50 -13.90
CA ALA A 48 -2.29 2.16 -12.95
C ALA A 48 -2.75 0.72 -13.16
N VAL A 49 -3.02 0.05 -12.04
CA VAL A 49 -3.54 -1.31 -12.07
C VAL A 49 -5.01 -1.16 -11.72
N HIS A 50 -5.88 -1.45 -12.68
CA HIS A 50 -7.32 -1.36 -12.45
C HIS A 50 -7.92 -2.76 -12.42
N ASP A 51 -8.37 -3.18 -11.24
CA ASP A 51 -8.95 -4.50 -11.07
C ASP A 51 -10.43 -4.36 -10.76
N PHE A 52 -11.25 -5.28 -11.28
CA PHE A 52 -12.68 -5.23 -11.05
C PHE A 52 -13.12 -6.27 -10.04
N CYS A 53 -13.21 -5.86 -8.78
CA CYS A 53 -13.63 -6.76 -7.71
C CYS A 53 -15.15 -6.83 -7.64
N GLY A 54 -15.78 -6.81 -8.80
CA GLY A 54 -17.24 -6.88 -8.85
C GLY A 54 -17.92 -5.72 -8.14
N HIS A 55 -17.13 -4.76 -7.67
CA HIS A 55 -17.67 -3.60 -6.97
C HIS A 55 -18.32 -2.66 -7.98
N GLN A 56 -18.98 -1.61 -7.47
CA GLN A 56 -19.67 -0.65 -8.34
C GLN A 56 -18.76 -0.12 -9.45
N THR A 57 -17.45 -0.22 -9.23
CA THR A 57 -16.46 0.22 -10.21
C THR A 57 -15.11 -0.41 -9.86
N TYR A 58 -14.06 -0.04 -10.57
CA TYR A 58 -12.73 -0.61 -10.32
C TYR A 58 -11.96 0.02 -9.18
N PHE A 59 -10.97 -0.71 -8.68
CA PHE A 59 -10.07 -0.28 -7.61
C PHE A 59 -8.73 -0.05 -8.29
N GLU A 60 -7.98 0.96 -7.84
CA GLU A 60 -6.68 1.24 -8.44
C GLU A 60 -5.50 1.21 -7.47
N SER A 61 -4.38 0.68 -7.95
CA SER A 61 -3.13 0.64 -7.21
C SER A 61 -2.09 0.91 -8.30
N ARG A 62 -0.83 1.06 -7.90
CA ARG A 62 0.21 1.35 -8.89
C ARG A 62 0.83 0.12 -9.56
N GLY A 63 1.08 0.22 -10.86
CA GLY A 63 1.68 -0.89 -11.60
C GLY A 63 3.16 -0.67 -11.87
N HIS A 64 3.70 -1.34 -12.88
CA HIS A 64 5.11 -1.18 -13.21
C HIS A 64 5.33 0.20 -13.82
N ASN A 65 6.50 0.78 -13.59
CA ASN A 65 6.77 2.06 -14.23
C ASN A 65 7.03 1.67 -15.68
N PHE A 66 6.54 2.48 -16.62
CA PHE A 66 6.73 2.16 -18.04
C PHE A 66 7.73 3.10 -18.69
N THR A 67 8.75 2.51 -19.32
CA THR A 67 9.79 3.31 -19.97
C THR A 67 9.47 3.57 -21.43
N LEU A 68 9.33 4.84 -21.80
CA LEU A 68 9.04 5.24 -23.16
C LEU A 68 10.28 5.00 -24.04
N ASN A 69 10.05 4.72 -25.33
CA ASN A 69 11.17 4.49 -26.23
C ASN A 69 11.22 5.49 -27.37
N ALA A 70 10.33 6.48 -27.34
CA ALA A 70 10.30 7.50 -28.37
C ALA A 70 9.99 8.87 -27.76
N THR A 71 10.28 9.93 -28.50
CA THR A 71 10.06 11.29 -28.04
C THR A 71 8.88 11.95 -28.76
N PHE A 72 7.84 12.26 -28.00
CA PHE A 72 6.62 12.88 -28.51
C PHE A 72 6.89 14.07 -29.44
N ASP A 73 7.80 14.95 -29.03
CA ASP A 73 8.14 16.14 -29.80
C ASP A 73 8.82 15.86 -31.14
N GLU A 74 9.41 14.68 -31.27
CA GLU A 74 10.11 14.31 -32.50
C GLU A 74 9.27 13.43 -33.42
N VAL A 75 8.02 13.22 -33.04
CA VAL A 75 7.10 12.38 -33.80
C VAL A 75 6.70 12.89 -35.18
N ASP A 76 6.77 11.98 -36.16
CA ASP A 76 6.37 12.26 -37.53
C ASP A 76 5.31 11.21 -37.85
N LEU A 77 4.04 11.64 -37.84
CA LEU A 77 2.93 10.75 -38.10
C LEU A 77 3.03 9.94 -39.40
N SER A 78 3.61 10.53 -40.43
CA SER A 78 3.73 9.85 -41.71
C SER A 78 4.44 8.51 -41.60
N LYS A 79 5.26 8.34 -40.56
CA LYS A 79 6.00 7.10 -40.37
C LYS A 79 5.14 5.97 -39.82
N TYR A 80 4.08 6.32 -39.11
CA TYR A 80 3.22 5.32 -38.49
C TYR A 80 2.06 4.82 -39.33
N ASP A 81 1.90 3.49 -39.33
CA ASP A 81 0.83 2.85 -40.08
C ASP A 81 -0.42 2.74 -39.24
N GLY A 82 -0.25 2.76 -37.92
CA GLY A 82 -1.38 2.65 -37.01
C GLY A 82 -1.10 3.30 -35.68
N LEU A 83 -2.17 3.55 -34.92
CA LEU A 83 -2.08 4.19 -33.61
C LEU A 83 -2.86 3.41 -32.56
N VAL A 84 -2.27 3.25 -31.39
CA VAL A 84 -2.92 2.55 -30.28
C VAL A 84 -3.06 3.51 -29.11
N ILE A 85 -4.26 3.55 -28.51
CA ILE A 85 -4.52 4.42 -27.37
C ILE A 85 -4.94 3.62 -26.14
N PRO A 86 -4.01 3.39 -25.20
CA PRO A 86 -4.31 2.65 -23.97
C PRO A 86 -5.31 3.41 -23.10
N GLY A 87 -5.97 2.68 -22.19
CA GLY A 87 -6.91 3.31 -21.30
C GLY A 87 -6.25 3.72 -19.99
N GLY A 88 -7.04 3.75 -18.91
CA GLY A 88 -6.52 4.16 -17.62
C GLY A 88 -6.91 5.60 -17.35
N ARG A 89 -6.15 6.30 -16.52
CA ARG A 89 -6.45 7.69 -16.21
C ARG A 89 -5.64 8.69 -17.04
N ALA A 90 -4.82 8.19 -17.94
CA ALA A 90 -4.03 9.07 -18.80
C ALA A 90 -4.92 9.77 -19.83
N PRO A 91 -5.84 9.02 -20.47
CA PRO A 91 -6.71 9.62 -21.48
C PRO A 91 -7.43 10.91 -21.09
N GLU A 92 -7.98 10.98 -19.88
CA GLU A 92 -8.71 12.17 -19.48
C GLU A 92 -7.87 13.45 -19.54
N TYR A 93 -6.59 13.37 -19.18
CA TYR A 93 -5.76 14.58 -19.21
C TYR A 93 -5.09 14.74 -20.58
N LEU A 94 -4.85 13.62 -21.26
CA LEU A 94 -4.24 13.66 -22.58
C LEU A 94 -5.26 14.26 -23.56
N ALA A 95 -6.54 14.03 -23.29
CA ALA A 95 -7.61 14.54 -24.13
C ALA A 95 -7.70 16.06 -24.09
N LEU A 96 -7.11 16.66 -23.07
CA LEU A 96 -7.12 18.12 -22.92
C LEU A 96 -5.78 18.72 -23.29
N THR A 97 -4.89 17.89 -23.82
CA THR A 97 -3.57 18.35 -24.23
C THR A 97 -3.63 18.66 -25.72
N ALA A 98 -3.57 19.95 -26.05
CA ALA A 98 -3.64 20.43 -27.42
C ALA A 98 -2.83 19.62 -28.43
N SER A 99 -1.56 19.38 -28.13
CA SER A 99 -0.68 18.64 -29.04
C SER A 99 -1.21 17.23 -29.32
N VAL A 100 -1.81 16.61 -28.30
CA VAL A 100 -2.35 15.27 -28.45
C VAL A 100 -3.61 15.28 -29.32
N VAL A 101 -4.49 16.24 -29.08
CA VAL A 101 -5.72 16.34 -29.86
C VAL A 101 -5.39 16.54 -31.34
N GLU A 102 -4.41 17.39 -31.62
CA GLU A 102 -3.99 17.66 -32.99
C GLU A 102 -3.49 16.39 -33.66
N LEU A 103 -2.63 15.66 -32.94
CA LEU A 103 -2.05 14.42 -33.45
C LEU A 103 -3.13 13.40 -33.80
N VAL A 104 -4.06 13.19 -32.88
CA VAL A 104 -5.15 12.24 -33.12
C VAL A 104 -6.04 12.69 -34.27
N LYS A 105 -6.34 13.99 -34.33
CA LYS A 105 -7.18 14.52 -35.39
C LYS A 105 -6.54 14.27 -36.75
N GLU A 106 -5.25 14.57 -36.85
CA GLU A 106 -4.52 14.37 -38.09
C GLU A 106 -4.48 12.89 -38.46
N PHE A 107 -4.16 12.06 -37.48
CA PHE A 107 -4.09 10.62 -37.74
C PHE A 107 -5.42 10.09 -38.25
N SER A 108 -6.50 10.53 -37.62
CA SER A 108 -7.83 10.09 -38.00
C SER A 108 -8.16 10.48 -39.43
N ARG A 109 -7.86 11.72 -39.79
CA ARG A 109 -8.17 12.17 -41.15
C ARG A 109 -7.29 11.50 -42.19
N SER A 110 -6.23 10.83 -41.75
CA SER A 110 -5.34 10.15 -42.69
C SER A 110 -5.94 8.79 -43.06
N GLY A 111 -6.94 8.36 -42.29
CA GLY A 111 -7.59 7.09 -42.57
C GLY A 111 -6.86 5.86 -42.07
N LYS A 112 -5.74 6.04 -41.39
CA LYS A 112 -4.98 4.91 -40.87
C LYS A 112 -5.68 4.32 -39.64
N PRO A 113 -5.49 3.02 -39.39
CA PRO A 113 -6.11 2.33 -38.26
C PRO A 113 -5.78 2.88 -36.88
N ILE A 114 -6.82 3.08 -36.08
CA ILE A 114 -6.68 3.55 -34.72
C ILE A 114 -7.33 2.51 -33.83
N ALA A 115 -6.60 2.02 -32.84
CA ALA A 115 -7.12 1.03 -31.91
C ALA A 115 -7.14 1.71 -30.55
N SER A 116 -8.34 2.02 -30.05
CA SER A 116 -8.49 2.70 -28.76
C SER A 116 -9.24 1.80 -27.78
N ILE A 117 -8.76 1.75 -26.54
CA ILE A 117 -9.38 0.87 -25.57
C ILE A 117 -9.78 1.49 -24.24
N HIS A 119 -10.83 3.67 -21.60
CA HIS A 119 -10.99 5.12 -21.50
C HIS A 119 -10.25 5.89 -22.59
N GLY A 120 -9.45 5.19 -23.37
CA GLY A 120 -8.70 5.84 -24.42
C GLY A 120 -9.60 6.63 -25.36
N GLN A 121 -10.81 6.13 -25.56
CA GLN A 121 -11.76 6.77 -26.45
C GLN A 121 -12.11 8.22 -26.07
N LEU A 122 -11.80 8.63 -24.84
CA LEU A 122 -12.08 10.01 -24.44
C LEU A 122 -11.30 10.96 -25.35
N ILE A 123 -10.10 10.54 -25.74
CA ILE A 123 -9.25 11.34 -26.62
C ILE A 123 -9.89 11.46 -28.00
N LEU A 124 -10.55 10.39 -28.45
CA LEU A 124 -11.20 10.40 -29.76
C LEU A 124 -12.38 11.36 -29.72
N ALA A 125 -13.12 11.38 -28.61
CA ALA A 125 -14.26 12.28 -28.48
C ALA A 125 -13.75 13.72 -28.48
N ALA A 126 -12.63 13.97 -27.80
CA ALA A 126 -12.05 15.30 -27.74
C ALA A 126 -11.53 15.75 -29.11
N ALA A 127 -11.04 14.80 -29.89
CA ALA A 127 -10.52 15.09 -31.23
C ALA A 127 -11.65 15.11 -32.26
N ASP A 128 -12.86 14.81 -31.80
CA ASP A 128 -14.06 14.80 -32.65
C ASP A 128 -13.85 13.90 -33.87
N THR A 129 -13.44 12.66 -33.63
CA THR A 129 -13.20 11.73 -34.73
C THR A 129 -14.11 10.52 -34.76
N VAL A 130 -15.18 10.55 -33.97
CA VAL A 130 -16.10 9.40 -33.92
C VAL A 130 -17.52 9.65 -34.40
N ASN A 131 -17.77 10.81 -34.99
CA ASN A 131 -19.12 11.12 -35.46
C ASN A 131 -19.59 10.18 -36.57
N GLY A 132 -20.61 9.38 -36.28
CA GLY A 132 -21.13 8.43 -37.26
C GLY A 132 -20.35 7.13 -37.26
N ARG A 133 -19.36 7.02 -36.37
CA ARG A 133 -18.55 5.81 -36.29
C ARG A 133 -19.08 4.87 -35.22
N LYS A 134 -19.13 3.57 -35.53
CA LYS A 134 -19.59 2.59 -34.56
C LYS A 134 -18.42 2.26 -33.66
N CYS A 135 -18.65 2.32 -32.35
CA CYS A 135 -17.58 2.04 -31.42
C CYS A 135 -18.07 1.72 -30.03
N THR A 136 -17.24 1.02 -29.27
CA THR A 136 -17.56 0.71 -27.90
C THR A 136 -16.46 1.35 -27.09
N ALA A 137 -16.52 1.20 -25.77
CA ALA A 137 -15.53 1.74 -24.85
C ALA A 137 -15.95 1.33 -23.45
N TYR A 138 -15.18 1.73 -22.45
CA TYR A 138 -15.57 1.40 -21.08
C TYR A 138 -16.96 2.05 -20.95
N ALA A 139 -17.90 1.34 -20.31
CA ALA A 139 -19.27 1.83 -20.17
C ALA A 139 -19.43 3.32 -19.81
N THR A 140 -18.65 3.79 -18.84
CA THR A 140 -18.74 5.18 -18.40
C THR A 140 -18.31 6.21 -19.43
N VAL A 141 -17.72 5.77 -20.53
CA VAL A 141 -17.28 6.68 -21.57
C VAL A 141 -18.39 6.88 -22.61
N GLY A 142 -19.41 6.05 -22.53
CA GLY A 142 -20.53 6.13 -23.47
C GLY A 142 -21.11 7.52 -23.64
N PRO A 143 -21.46 8.21 -22.54
CA PRO A 143 -22.04 9.55 -22.65
C PRO A 143 -21.21 10.53 -23.49
N SER A 144 -19.89 10.54 -23.26
CA SER A 144 -19.01 11.43 -24.00
C SER A 144 -19.01 11.08 -25.48
N LEU A 145 -18.96 9.79 -25.79
CA LEU A 145 -18.95 9.36 -27.18
C LEU A 145 -20.28 9.65 -27.85
N VAL A 146 -21.38 9.43 -27.14
CA VAL A 146 -22.70 9.71 -27.70
C VAL A 146 -22.81 11.19 -28.00
N ALA A 147 -22.29 12.02 -27.10
CA ALA A 147 -22.33 13.46 -27.28
C ALA A 147 -21.47 13.87 -28.47
N ALA A 148 -20.47 13.04 -28.77
CA ALA A 148 -19.56 13.30 -29.89
C ALA A 148 -20.11 12.74 -31.20
N GLY A 149 -21.35 12.25 -31.17
CA GLY A 149 -21.99 11.73 -32.37
C GLY A 149 -21.72 10.28 -32.74
N ALA A 150 -21.09 9.54 -31.84
CA ALA A 150 -20.78 8.14 -32.13
C ALA A 150 -22.00 7.24 -32.15
N LYS A 151 -21.89 6.12 -32.86
CA LYS A 151 -22.94 5.12 -32.91
C LYS A 151 -22.46 4.17 -31.82
N TRP A 152 -22.85 4.50 -30.60
CA TRP A 152 -22.47 3.77 -29.40
C TRP A 152 -22.89 2.32 -29.30
N VAL A 153 -21.92 1.46 -28.99
CA VAL A 153 -22.16 0.04 -28.82
C VAL A 153 -21.92 -0.24 -27.34
N GLU A 154 -22.98 -0.44 -26.58
CA GLU A 154 -22.85 -0.72 -25.14
C GLU A 154 -22.05 -2.01 -24.97
N PRO A 155 -21.02 -1.99 -24.12
CA PRO A 155 -20.20 -3.18 -23.88
C PRO A 155 -20.92 -4.19 -23.00
N ILE A 156 -21.61 -5.15 -23.61
CA ILE A 156 -22.37 -6.16 -22.88
C ILE A 156 -21.51 -7.18 -22.16
N THR A 157 -20.26 -7.35 -22.61
CA THR A 157 -19.33 -8.26 -21.96
C THR A 157 -17.99 -7.55 -21.86
N PRO A 158 -17.15 -7.96 -20.90
CA PRO A 158 -15.83 -7.34 -20.72
C PRO A 158 -14.94 -7.41 -21.96
N ASP A 159 -15.11 -8.44 -22.78
CA ASP A 159 -14.27 -8.63 -23.96
C ASP A 159 -14.83 -8.07 -25.27
N VAL A 160 -15.92 -7.32 -25.19
CA VAL A 160 -16.54 -6.77 -26.39
C VAL A 160 -15.61 -5.86 -27.18
N CYS A 161 -15.55 -6.10 -28.49
CA CYS A 161 -14.74 -5.32 -29.42
C CYS A 161 -15.57 -4.91 -30.61
N VAL A 162 -15.23 -3.76 -31.19
CA VAL A 162 -15.93 -3.28 -32.36
C VAL A 162 -14.93 -2.83 -33.41
N VAL A 163 -15.23 -3.09 -34.68
CA VAL A 163 -14.38 -2.66 -35.78
C VAL A 163 -15.31 -2.00 -36.80
N ASP A 164 -15.01 -0.76 -37.14
CA ASP A 164 -15.82 -0.03 -38.11
C ASP A 164 -14.86 0.80 -38.95
N GLY A 165 -14.52 0.25 -40.12
CA GLY A 165 -13.58 0.95 -40.97
C GLY A 165 -12.24 0.96 -40.27
N SER A 166 -11.62 2.13 -40.21
CA SER A 166 -10.30 2.28 -39.59
C SER A 166 -10.34 2.35 -38.07
N LEU A 167 -11.53 2.33 -37.47
CA LEU A 167 -11.63 2.44 -36.02
C LEU A 167 -11.89 1.12 -35.31
N ILE A 168 -10.96 0.73 -34.44
CA ILE A 168 -11.08 -0.49 -33.66
C ILE A 168 -11.15 -0.09 -32.20
N THR A 169 -12.16 -0.60 -31.48
CA THR A 169 -12.30 -0.27 -30.08
C THR A 169 -12.63 -1.46 -29.19
N ALA A 170 -12.26 -1.33 -27.92
CA ALA A 170 -12.53 -2.35 -26.92
C ALA A 170 -12.94 -1.65 -25.63
N ALA A 171 -13.56 -2.40 -24.72
CA ALA A 171 -14.03 -1.84 -23.46
C ALA A 171 -13.08 -1.99 -22.28
N THR A 172 -12.42 -3.14 -22.19
CA THR A 172 -11.49 -3.41 -21.10
C THR A 172 -10.35 -4.26 -21.62
N TYR A 173 -9.30 -4.43 -20.82
CA TYR A 173 -8.18 -5.24 -21.25
C TYR A 173 -8.58 -6.69 -21.48
N GLU A 174 -9.78 -7.09 -21.07
CA GLU A 174 -10.22 -8.46 -21.30
C GLU A 174 -10.50 -8.66 -22.79
N GLY A 175 -10.65 -7.56 -23.51
CA GLY A 175 -10.89 -7.64 -24.94
C GLY A 175 -9.60 -7.57 -25.75
N HIS A 176 -8.45 -7.56 -25.09
CA HIS A 176 -7.16 -7.48 -25.79
C HIS A 176 -6.99 -8.44 -26.97
N PRO A 177 -7.36 -9.73 -26.79
CA PRO A 177 -7.20 -10.68 -27.90
C PRO A 177 -7.76 -10.23 -29.23
N GLU A 178 -9.07 -10.02 -29.28
CA GLU A 178 -9.73 -9.60 -30.52
C GLU A 178 -9.32 -8.18 -30.91
N PHE A 179 -9.13 -7.33 -29.90
CA PHE A 179 -8.71 -5.94 -30.10
C PHE A 179 -7.44 -5.92 -30.94
N ILE A 180 -6.42 -6.62 -30.46
CA ILE A 180 -5.13 -6.68 -31.16
C ILE A 180 -5.26 -7.41 -32.49
N GLN A 181 -6.05 -8.48 -32.53
CA GLN A 181 -6.22 -9.23 -33.78
C GLN A 181 -6.85 -8.33 -34.86
N LEU A 182 -7.88 -7.59 -34.48
CA LEU A 182 -8.56 -6.71 -35.42
C LEU A 182 -7.62 -5.60 -35.90
N PHE A 183 -6.77 -5.11 -34.99
CA PHE A 183 -5.81 -4.07 -35.32
C PHE A 183 -4.80 -4.61 -36.33
N VAL A 184 -4.32 -5.83 -36.08
CA VAL A 184 -3.35 -6.45 -36.98
C VAL A 184 -3.95 -6.64 -38.37
N LYS A 185 -5.21 -7.04 -38.43
CA LYS A 185 -5.87 -7.24 -39.71
C LYS A 185 -6.04 -5.89 -40.41
N ALA A 186 -6.36 -4.85 -39.64
CA ALA A 186 -6.55 -3.52 -40.21
C ALA A 186 -5.25 -3.03 -40.83
N LEU A 187 -4.12 -3.48 -40.29
CA LEU A 187 -2.82 -3.09 -40.82
C LEU A 187 -2.45 -3.91 -42.05
N GLY A 188 -3.35 -4.80 -42.48
CA GLY A 188 -3.10 -5.64 -43.63
C GLY A 188 -2.38 -6.92 -43.26
N GLY A 189 -2.46 -7.29 -41.99
CA GLY A 189 -1.80 -8.50 -41.54
C GLY A 189 -2.66 -9.74 -41.67
N LYS A 190 -2.01 -10.86 -41.94
CA LYS A 190 -2.69 -12.14 -42.07
C LYS A 190 -2.00 -13.11 -41.12
N ILE A 191 -2.79 -13.70 -40.23
CA ILE A 191 -2.26 -14.64 -39.25
C ILE A 191 -2.49 -16.06 -39.71
N THR A 192 -1.43 -16.85 -39.78
CA THR A 192 -1.55 -18.24 -40.21
C THR A 192 -1.00 -19.24 -39.20
N GLY A 193 -1.63 -20.42 -39.14
CA GLY A 193 -1.19 -21.48 -38.25
C GLY A 193 -1.54 -21.36 -36.78
N ALA A 194 -2.39 -20.40 -36.45
CA ALA A 194 -2.78 -20.16 -35.06
C ALA A 194 -3.77 -21.13 -34.44
N ASN A 195 -4.25 -22.10 -35.21
CA ASN A 195 -5.19 -23.06 -34.65
C ASN A 195 -4.44 -24.06 -33.78
N LYS A 196 -4.05 -23.60 -32.59
CA LYS A 196 -3.30 -24.41 -31.64
C LYS A 196 -3.89 -24.24 -30.23
N ARG A 197 -3.64 -25.21 -29.36
CA ARG A 197 -4.13 -25.14 -27.99
C ARG A 197 -2.92 -25.12 -27.06
N ILE A 198 -2.86 -24.10 -26.21
CA ILE A 198 -1.73 -23.90 -25.31
C ILE A 198 -2.12 -23.92 -23.84
N LEU A 199 -1.26 -24.51 -23.02
CA LEU A 199 -1.49 -24.61 -21.58
C LEU A 199 -0.53 -23.74 -20.79
N PHE A 200 -1.06 -23.00 -19.83
CA PHE A 200 -0.26 -22.13 -18.96
C PHE A 200 -0.26 -22.68 -17.54
N LEU A 201 0.93 -22.91 -16.98
CA LEU A 201 1.05 -23.40 -15.61
C LEU A 201 1.13 -22.19 -14.71
N CYS A 202 0.00 -21.86 -14.08
CA CYS A 202 -0.11 -20.69 -13.21
C CYS A 202 -0.08 -21.00 -11.72
N GLY A 203 0.14 -19.96 -10.94
CA GLY A 203 0.16 -20.12 -9.50
C GLY A 203 0.04 -18.77 -8.81
N ASP A 204 -0.12 -18.77 -7.49
CA ASP A 204 -0.24 -17.53 -6.76
C ASP A 204 1.07 -16.74 -6.83
N TYR A 205 0.92 -15.44 -7.08
CA TYR A 205 2.03 -14.51 -7.16
C TYR A 205 2.99 -14.67 -8.34
N MET A 206 2.47 -15.19 -9.44
CA MET A 206 3.26 -15.28 -10.64
C MET A 206 3.37 -13.81 -11.07
N GLU A 207 4.35 -13.47 -11.89
CA GLU A 207 4.52 -12.07 -12.28
C GLU A 207 3.39 -11.57 -13.17
N ASP A 208 2.81 -10.45 -12.77
CA ASP A 208 1.71 -9.76 -13.42
C ASP A 208 1.80 -9.69 -14.96
N TYR A 209 2.92 -9.19 -15.48
CA TYR A 209 3.09 -9.10 -16.94
C TYR A 209 3.35 -10.47 -17.57
N GLU A 210 4.12 -11.29 -16.87
CA GLU A 210 4.52 -12.59 -17.40
C GLU A 210 3.44 -13.61 -17.63
N VAL A 211 2.29 -13.43 -16.99
CA VAL A 211 1.20 -14.34 -17.26
C VAL A 211 0.29 -13.68 -18.32
N LYS A 212 -0.10 -12.43 -18.07
CA LYS A 212 -1.00 -11.73 -18.96
C LYS A 212 -0.51 -11.45 -20.38
N VAL A 213 0.72 -10.98 -20.54
CA VAL A 213 1.20 -10.66 -21.88
C VAL A 213 1.31 -11.89 -22.79
N PRO A 214 2.00 -12.94 -22.34
CA PRO A 214 2.10 -14.11 -23.22
C PRO A 214 0.73 -14.72 -23.47
N PHE A 215 -0.07 -14.81 -22.41
CA PHE A 215 -1.41 -15.40 -22.50
C PHE A 215 -2.29 -14.68 -23.53
N GLN A 216 -2.39 -13.36 -23.41
CA GLN A 216 -3.21 -12.59 -24.34
C GLN A 216 -2.60 -12.42 -25.72
N SER A 217 -1.27 -12.45 -25.82
CA SER A 217 -0.64 -12.34 -27.13
C SER A 217 -0.99 -13.57 -27.95
N LEU A 218 -0.92 -14.74 -27.31
CA LEU A 218 -1.26 -15.98 -27.99
C LEU A 218 -2.74 -16.03 -28.33
N GLN A 219 -3.59 -15.49 -27.45
CA GLN A 219 -5.02 -15.48 -27.74
C GLN A 219 -5.30 -14.54 -28.91
N ALA A 220 -4.55 -13.45 -28.99
CA ALA A 220 -4.72 -12.48 -30.07
C ALA A 220 -4.44 -13.11 -31.43
N LEU A 221 -3.53 -14.08 -31.46
CA LEU A 221 -3.19 -14.78 -32.70
C LEU A 221 -4.34 -15.69 -33.12
N GLY A 222 -5.15 -16.09 -32.15
CA GLY A 222 -6.27 -16.98 -32.43
C GLY A 222 -6.15 -18.33 -31.74
N CYS A 223 -5.12 -18.50 -30.93
CA CYS A 223 -4.92 -19.76 -30.23
C CYS A 223 -5.90 -19.90 -29.08
N GLN A 224 -6.19 -21.14 -28.72
CA GLN A 224 -7.06 -21.39 -27.58
C GLN A 224 -6.04 -21.55 -26.46
N VAL A 225 -6.15 -20.73 -25.41
CA VAL A 225 -5.19 -20.78 -24.33
C VAL A 225 -5.85 -21.05 -22.99
N ASP A 226 -5.37 -22.08 -22.29
CA ASP A 226 -5.93 -22.44 -20.99
C ASP A 226 -4.95 -22.15 -19.86
N ALA A 227 -5.48 -21.77 -18.71
CA ALA A 227 -4.66 -21.46 -17.55
C ALA A 227 -5.14 -22.32 -16.38
N VAL A 228 -4.19 -23.01 -15.75
CA VAL A 228 -4.49 -23.88 -14.62
C VAL A 228 -3.54 -23.63 -13.47
N CYS A 229 -3.96 -24.08 -12.29
CA CYS A 229 -3.19 -23.98 -11.06
C CYS A 229 -3.66 -25.13 -10.19
N PRO A 230 -2.72 -25.91 -9.62
CA PRO A 230 -3.14 -27.04 -8.79
C PRO A 230 -4.03 -26.59 -7.62
N GLU A 231 -5.00 -27.44 -7.30
CA GLU A 231 -5.94 -27.18 -6.21
C GLU A 231 -6.98 -26.09 -6.52
N LYS A 232 -6.94 -25.57 -7.74
CA LYS A 232 -7.91 -24.54 -8.13
C LYS A 232 -8.70 -24.96 -9.36
N LYS A 233 -9.90 -24.39 -9.49
CA LYS A 233 -10.78 -24.72 -10.60
C LYS A 233 -11.01 -23.53 -11.51
N ALA A 234 -11.65 -23.77 -12.65
CA ALA A 234 -11.94 -22.71 -13.59
C ALA A 234 -12.77 -21.66 -12.86
N GLY A 235 -12.43 -20.39 -13.05
CA GLY A 235 -13.15 -19.32 -12.39
C GLY A 235 -12.43 -18.82 -11.15
N ASP A 236 -11.58 -19.65 -10.56
CA ASP A 236 -10.83 -19.23 -9.39
C ASP A 236 -9.80 -18.21 -9.86
N ARG A 237 -9.31 -17.41 -8.91
CA ARG A 237 -8.34 -16.36 -9.21
C ARG A 237 -7.02 -16.57 -8.47
N CYS A 238 -5.95 -16.03 -9.06
CA CYS A 238 -4.61 -16.10 -8.47
C CYS A 238 -4.10 -14.68 -8.35
N PRO A 239 -3.61 -14.29 -7.16
CA PRO A 239 -3.10 -12.93 -7.05
C PRO A 239 -1.79 -12.92 -7.84
N THR A 240 -1.32 -11.74 -8.23
CA THR A 240 -0.07 -11.66 -8.98
C THR A 240 0.88 -10.68 -8.32
N ALA A 241 2.15 -10.77 -8.70
CA ALA A 241 3.15 -9.87 -8.16
C ALA A 241 3.71 -8.98 -9.26
N ILE A 242 3.90 -7.71 -8.93
CA ILE A 242 4.49 -6.80 -9.88
C ILE A 242 5.93 -6.63 -9.43
N HIS A 243 6.86 -7.04 -10.29
CA HIS A 243 8.28 -6.95 -9.98
C HIS A 243 8.89 -5.84 -10.82
N ASP A 244 9.53 -4.90 -10.15
CA ASP A 244 10.10 -3.75 -10.83
C ASP A 244 11.40 -3.38 -10.14
N PHE A 245 12.33 -2.80 -10.87
CA PHE A 245 13.59 -2.37 -10.29
C PHE A 245 13.43 -0.88 -10.01
N GLU A 246 13.58 -0.50 -8.75
CA GLU A 246 13.41 0.89 -8.37
C GLU A 246 14.62 1.49 -7.65
N GLY A 247 15.81 0.95 -7.93
CA GLY A 247 17.02 1.50 -7.34
C GLY A 247 17.79 0.65 -6.35
N ASP A 248 17.18 -0.42 -5.85
CA ASP A 248 17.88 -1.27 -4.90
C ASP A 248 18.60 -2.43 -5.61
N GLN A 249 19.31 -3.24 -4.84
CA GLN A 249 20.09 -4.34 -5.42
C GLN A 249 19.27 -5.46 -6.05
N THR A 250 17.96 -5.46 -5.79
CA THR A 250 17.08 -6.44 -6.41
C THR A 250 15.71 -5.77 -6.55
N TYR A 251 14.80 -6.42 -7.26
CA TYR A 251 13.49 -5.86 -7.51
C TYR A 251 12.56 -5.74 -6.31
N SER A 252 11.60 -4.84 -6.46
CA SER A 252 10.59 -4.59 -5.44
C SER A 252 9.38 -5.44 -5.83
N GLU A 253 8.43 -5.58 -4.91
CA GLU A 253 7.22 -6.33 -5.20
C GLU A 253 5.99 -5.67 -4.60
N LYS A 254 4.94 -5.57 -5.40
CA LYS A 254 3.66 -5.01 -4.96
C LYS A 254 2.58 -5.77 -5.72
N PRO A 255 1.32 -5.66 -5.27
CA PRO A 255 0.20 -6.35 -5.93
C PRO A 255 -0.05 -5.99 -7.39
N GLY A 256 -0.40 -7.01 -8.17
CA GLY A 256 -0.73 -6.81 -9.56
C GLY A 256 -2.21 -7.15 -9.73
N HIS A 257 -2.64 -7.41 -10.96
CA HIS A 257 -4.04 -7.76 -11.21
C HIS A 257 -4.27 -9.21 -10.81
N THR A 258 -5.49 -9.54 -10.40
CA THR A 258 -5.79 -10.92 -10.07
C THR A 258 -6.03 -11.60 -11.42
N PHE A 259 -5.59 -12.84 -11.56
CA PHE A 259 -5.75 -13.54 -12.83
C PHE A 259 -6.68 -14.73 -12.67
N ALA A 260 -7.65 -14.83 -13.56
CA ALA A 260 -8.64 -15.90 -13.51
C ALA A 260 -8.24 -17.16 -14.29
N LEU A 261 -8.31 -18.29 -13.61
CA LEU A 261 -7.99 -19.57 -14.24
C LEU A 261 -9.16 -19.92 -15.14
N THR A 262 -8.88 -20.71 -16.17
CA THR A 262 -9.92 -21.08 -17.13
C THR A 262 -10.24 -22.56 -17.16
N THR A 263 -9.36 -23.38 -16.58
CA THR A 263 -9.55 -24.82 -16.62
C THR A 263 -9.19 -25.52 -15.32
N ASN A 264 -9.79 -26.68 -15.09
CA ASN A 264 -9.50 -27.43 -13.87
C ASN A 264 -8.21 -28.23 -14.06
N PHE A 265 -7.30 -28.09 -13.11
CA PHE A 265 -6.01 -28.76 -13.17
C PHE A 265 -6.13 -30.29 -13.13
N ASP A 266 -7.07 -30.79 -12.36
CA ASP A 266 -7.26 -32.24 -12.23
C ASP A 266 -7.76 -32.95 -13.48
N ASP A 267 -8.51 -32.25 -14.33
CA ASP A 267 -9.06 -32.86 -15.54
C ASP A 267 -8.12 -32.68 -16.73
N LEU A 268 -7.06 -31.90 -16.52
CA LEU A 268 -6.07 -31.60 -17.55
C LEU A 268 -5.47 -32.85 -18.20
N VAL A 269 -5.28 -32.77 -19.52
CA VAL A 269 -4.70 -33.86 -20.31
C VAL A 269 -3.70 -33.26 -21.30
N SER A 270 -2.41 -33.47 -21.04
CA SER A 270 -1.34 -32.92 -21.89
C SER A 270 -1.43 -33.24 -23.38
N SER A 271 -1.91 -34.43 -23.71
CA SER A 271 -2.03 -34.84 -25.10
C SER A 271 -2.89 -33.88 -25.92
N SER A 272 -3.77 -33.14 -25.26
CA SER A 272 -4.64 -32.20 -25.95
C SER A 272 -3.93 -30.92 -26.35
N TYR A 273 -2.80 -30.64 -25.70
CA TYR A 273 -2.07 -29.41 -25.96
C TYR A 273 -0.89 -29.45 -26.93
N ASP A 274 -0.71 -28.33 -27.62
CA ASP A 274 0.36 -28.16 -28.59
C ASP A 274 1.60 -27.60 -27.93
N ALA A 275 1.42 -26.82 -26.86
CA ALA A 275 2.55 -26.21 -26.19
C ALA A 275 2.27 -25.90 -24.72
N LEU A 276 3.34 -25.69 -23.98
CA LEU A 276 3.26 -25.37 -22.55
C LEU A 276 4.00 -24.06 -22.30
N VAL A 277 3.39 -23.17 -21.50
CA VAL A 277 4.02 -21.91 -21.17
C VAL A 277 4.06 -21.76 -19.65
N ILE A 278 5.19 -21.28 -19.14
CA ILE A 278 5.37 -21.11 -17.70
C ILE A 278 5.75 -19.68 -17.33
N PRO A 279 4.79 -18.91 -16.80
CA PRO A 279 5.06 -17.53 -16.39
C PRO A 279 6.03 -17.52 -15.22
N GLY A 280 6.75 -16.42 -15.04
CA GLY A 280 7.67 -16.29 -13.94
C GLY A 280 6.99 -15.77 -12.69
N GLY A 281 7.79 -15.17 -11.80
CA GLY A 281 7.24 -14.66 -10.56
C GLY A 281 7.55 -15.62 -9.44
N ARG A 282 6.74 -15.59 -8.38
CA ARG A 282 6.96 -16.46 -7.24
C ARG A 282 6.16 -17.76 -7.24
N ALA A 283 5.37 -17.98 -8.28
CA ALA A 283 4.59 -19.22 -8.34
C ALA A 283 5.48 -20.41 -8.66
N PRO A 284 6.42 -20.26 -9.62
CA PRO A 284 7.29 -21.38 -9.98
C PRO A 284 8.01 -22.09 -8.84
N GLU A 285 8.51 -21.35 -7.85
CA GLU A 285 9.24 -22.02 -6.78
C GLU A 285 8.42 -23.04 -6.01
N TYR A 286 7.12 -22.78 -5.82
CA TYR A 286 6.31 -23.75 -5.11
C TYR A 286 5.67 -24.76 -6.07
N LEU A 287 5.38 -24.31 -7.29
CA LEU A 287 4.82 -25.22 -8.28
C LEU A 287 5.82 -26.33 -8.59
N ALA A 288 7.10 -26.02 -8.47
CA ALA A 288 8.17 -26.98 -8.75
C ALA A 288 8.17 -28.13 -7.76
N LEU A 289 7.39 -28.00 -6.69
CA LEU A 289 7.32 -29.04 -5.66
C LEU A 289 6.14 -29.97 -5.87
N ASN A 290 5.30 -29.65 -6.84
CA ASN A 290 4.11 -30.45 -7.13
C ASN A 290 4.45 -31.51 -8.18
N GLU A 291 4.36 -32.78 -7.79
CA GLU A 291 4.68 -33.86 -8.71
C GLU A 291 3.80 -33.88 -9.95
N HIS A 292 2.53 -33.49 -9.82
CA HIS A 292 1.64 -33.47 -10.98
C HIS A 292 2.15 -32.44 -11.98
N VAL A 293 2.60 -31.30 -11.47
CA VAL A 293 3.15 -30.25 -12.33
C VAL A 293 4.42 -30.77 -13.00
N LEU A 294 5.28 -31.44 -12.24
CA LEU A 294 6.51 -31.98 -12.80
C LEU A 294 6.22 -33.03 -13.86
N ASN A 295 5.19 -33.83 -13.64
CA ASN A 295 4.79 -34.87 -14.59
C ASN A 295 4.34 -34.24 -15.90
N ILE A 296 3.60 -33.14 -15.81
CA ILE A 296 3.12 -32.46 -17.00
C ILE A 296 4.29 -31.94 -17.82
N VAL A 297 5.28 -31.36 -17.14
CA VAL A 297 6.47 -30.84 -17.81
C VAL A 297 7.22 -31.98 -18.50
N LYS A 298 7.35 -33.11 -17.82
CA LYS A 298 8.05 -34.25 -18.37
C LYS A 298 7.37 -34.78 -19.62
N GLU A 299 6.04 -34.76 -19.64
CA GLU A 299 5.31 -35.25 -20.80
C GLU A 299 5.52 -34.34 -22.00
N PHE A 300 5.38 -33.04 -21.82
CA PHE A 300 5.60 -32.11 -22.93
C PHE A 300 7.02 -32.23 -23.49
N MET A 301 8.00 -32.28 -22.59
CA MET A 301 9.40 -32.38 -23.00
C MET A 301 9.70 -33.67 -23.74
N ASN A 302 9.14 -34.78 -23.26
CA ASN A 302 9.37 -36.07 -23.89
C ASN A 302 8.69 -36.13 -25.26
N SER A 303 7.58 -35.41 -25.40
CA SER A 303 6.85 -35.38 -26.66
C SER A 303 7.51 -34.36 -27.59
N GLU A 304 8.51 -33.66 -27.07
CA GLU A 304 9.25 -32.65 -27.82
C GLU A 304 8.33 -31.53 -28.31
N LYS A 305 7.29 -31.26 -27.53
CA LYS A 305 6.35 -30.19 -27.87
C LYS A 305 6.96 -28.89 -27.34
N PRO A 306 6.60 -27.76 -27.96
CA PRO A 306 7.16 -26.48 -27.49
C PRO A 306 6.86 -26.19 -26.02
N VAL A 307 7.90 -25.83 -25.29
CA VAL A 307 7.76 -25.47 -23.88
C VAL A 307 8.45 -24.13 -23.74
N ALA A 308 7.68 -23.11 -23.33
CA ALA A 308 8.24 -21.76 -23.17
C ALA A 308 8.18 -21.36 -21.70
N SER A 309 9.35 -21.12 -21.11
CA SER A 309 9.46 -20.75 -19.70
C SER A 309 10.24 -19.46 -19.57
N ILE A 310 9.73 -18.54 -18.75
CA ILE A 310 10.40 -17.26 -18.59
C ILE A 310 10.72 -16.88 -17.15
N HIS A 312 11.64 -16.80 -13.62
CA HIS A 312 11.78 -17.84 -12.59
C HIS A 312 11.07 -19.14 -12.97
N GLY A 313 10.30 -19.12 -14.05
CA GLY A 313 9.59 -20.32 -14.47
C GLY A 313 10.51 -21.52 -14.60
N GLN A 314 11.76 -21.27 -14.95
CA GLN A 314 12.74 -22.34 -15.13
C GLN A 314 13.01 -23.19 -13.87
N GLN A 315 12.60 -22.69 -12.70
CA GLN A 315 12.78 -23.45 -11.47
C GLN A 315 12.00 -24.75 -11.56
N ILE A 316 10.86 -24.71 -12.25
CA ILE A 316 10.05 -25.92 -12.42
C ILE A 316 10.76 -26.90 -13.34
N LEU A 317 11.35 -26.39 -14.41
CA LEU A 317 12.05 -27.24 -15.35
C LEU A 317 13.25 -27.90 -14.67
N ALA A 318 13.96 -27.12 -13.86
CA ALA A 318 15.13 -27.63 -13.15
C ALA A 318 14.75 -28.78 -12.22
N ALA A 319 13.66 -28.60 -11.49
CA ALA A 319 13.19 -29.61 -10.55
C ALA A 319 12.69 -30.86 -11.27
N ALA A 320 12.18 -30.67 -12.48
CA ALA A 320 11.67 -31.79 -13.26
C ALA A 320 12.81 -32.59 -13.88
N GLY A 321 14.03 -32.03 -13.82
CA GLY A 321 15.20 -32.70 -14.37
C GLY A 321 15.31 -32.62 -15.88
N VAL A 322 14.44 -31.82 -16.51
CA VAL A 322 14.45 -31.70 -17.96
C VAL A 322 15.45 -30.69 -18.52
N LEU A 323 16.28 -30.10 -17.66
CA LEU A 323 17.28 -29.15 -18.14
C LEU A 323 18.64 -29.85 -18.31
N LYS A 324 18.69 -31.12 -17.93
CA LYS A 324 19.94 -31.86 -18.04
C LYS A 324 20.43 -31.92 -19.48
N GLY A 325 21.62 -31.35 -19.72
CA GLY A 325 22.18 -31.34 -21.06
C GLY A 325 21.48 -30.40 -22.02
N ARG A 326 20.69 -29.48 -21.50
CA ARG A 326 19.97 -28.51 -22.33
C ARG A 326 20.53 -27.12 -22.13
N LYS A 327 20.32 -26.25 -23.12
CA LYS A 327 20.82 -24.88 -23.05
C LYS A 327 19.63 -23.95 -22.84
N CYS A 328 19.80 -22.98 -21.95
CA CYS A 328 18.73 -22.03 -21.69
C CYS A 328 19.19 -20.86 -20.85
N THR A 329 18.35 -19.82 -20.82
CA THR A 329 18.61 -18.65 -20.01
C THR A 329 17.48 -18.61 -18.98
N ALA A 330 17.48 -17.60 -18.13
CA ALA A 330 16.45 -17.44 -17.10
C ALA A 330 16.74 -16.16 -16.36
N TYR A 331 15.98 -15.88 -15.31
CA TYR A 331 16.25 -14.69 -14.52
C TYR A 331 17.69 -14.92 -14.06
N PRO A 332 18.54 -13.89 -14.08
CA PRO A 332 19.94 -14.04 -13.68
C PRO A 332 20.20 -14.91 -12.44
N ALA A 333 19.45 -14.67 -11.36
CA ALA A 333 19.62 -15.45 -10.13
C ALA A 333 19.31 -16.93 -10.34
N VAL A 334 18.41 -17.22 -11.27
CA VAL A 334 18.00 -18.59 -11.54
C VAL A 334 19.07 -19.41 -12.27
N LYS A 335 20.19 -18.78 -12.60
CA LYS A 335 21.30 -19.50 -13.22
C LYS A 335 21.70 -20.61 -12.24
N LEU A 336 21.57 -20.32 -10.95
CA LEU A 336 21.91 -21.30 -9.92
C LEU A 336 21.08 -22.57 -10.11
N ASN A 337 19.78 -22.39 -10.26
CA ASN A 337 18.88 -23.54 -10.43
C ASN A 337 19.14 -24.27 -11.75
N VAL A 338 19.44 -23.50 -12.79
CA VAL A 338 19.71 -24.07 -14.11
C VAL A 338 20.95 -24.96 -14.10
N VAL A 339 22.06 -24.42 -13.61
CA VAL A 339 23.31 -25.16 -13.55
C VAL A 339 23.21 -26.38 -12.63
N LEU A 340 22.63 -26.20 -11.45
CA LEU A 340 22.46 -27.32 -10.54
C LEU A 340 21.54 -28.36 -11.17
N GLY A 341 20.65 -27.88 -12.04
CA GLY A 341 19.72 -28.76 -12.73
C GLY A 341 20.37 -29.49 -13.90
N GLY A 342 21.66 -29.23 -14.14
CA GLY A 342 22.37 -29.90 -15.22
C GLY A 342 22.34 -29.17 -16.55
N GLY A 343 21.77 -27.96 -16.56
CA GLY A 343 21.70 -27.22 -17.80
C GLY A 343 22.91 -26.35 -18.10
N THR A 344 23.00 -25.90 -19.34
CA THR A 344 24.07 -25.04 -19.79
C THR A 344 23.48 -23.64 -19.90
N TRP A 345 24.11 -22.68 -19.24
CA TRP A 345 23.65 -21.31 -19.20
C TRP A 345 23.96 -20.42 -20.40
N LEU A 346 22.96 -19.65 -20.80
CA LEU A 346 23.07 -18.69 -21.89
C LEU A 346 22.80 -17.35 -21.21
N GLU A 347 23.78 -16.45 -21.26
CA GLU A 347 23.65 -15.14 -20.61
C GLU A 347 22.59 -14.26 -21.28
N PRO A 348 21.67 -13.71 -20.47
CA PRO A 348 20.63 -12.85 -21.04
C PRO A 348 21.12 -11.41 -21.16
N ASP A 349 22.00 -11.19 -22.14
CA ASP A 349 22.53 -9.86 -22.39
C ASP A 349 22.37 -9.56 -23.88
N PRO A 350 21.45 -8.64 -24.23
CA PRO A 350 20.57 -7.87 -23.35
C PRO A 350 19.52 -8.69 -22.61
N ILE A 351 18.97 -8.11 -21.55
CA ILE A 351 17.97 -8.78 -20.71
C ILE A 351 16.66 -9.15 -21.40
N ASP A 352 16.37 -8.51 -22.53
CA ASP A 352 15.13 -8.79 -23.24
C ASP A 352 15.28 -9.85 -24.33
N ARG A 353 16.41 -10.54 -24.35
CA ARG A 353 16.62 -11.58 -25.36
C ARG A 353 16.18 -12.95 -24.88
N CYS A 354 15.76 -13.78 -25.82
CA CYS A 354 15.33 -15.14 -25.54
C CYS A 354 16.09 -16.11 -26.44
N PHE A 355 16.09 -17.38 -26.04
CA PHE A 355 16.77 -18.43 -26.81
C PHE A 355 15.86 -19.64 -26.95
N THR A 356 16.14 -20.44 -27.97
CA THR A 356 15.39 -21.68 -28.19
C THR A 356 16.42 -22.80 -28.35
N ASP A 357 16.22 -23.87 -27.61
CA ASP A 357 17.09 -25.04 -27.66
C ASP A 357 16.16 -26.20 -28.02
N GLY A 358 16.02 -26.45 -29.31
CA GLY A 358 15.12 -27.50 -29.76
C GLY A 358 13.68 -27.08 -29.55
N ASN A 359 13.02 -27.71 -28.60
CA ASN A 359 11.63 -27.41 -28.30
C ASN A 359 11.51 -26.45 -27.11
N LEU A 360 12.65 -26.08 -26.53
CA LEU A 360 12.63 -25.23 -25.34
C LEU A 360 12.96 -23.75 -25.54
N VAL A 361 11.97 -22.90 -25.33
CA VAL A 361 12.15 -21.45 -25.46
C VAL A 361 12.29 -20.89 -24.04
N THR A 362 13.31 -20.07 -23.81
CA THR A 362 13.48 -19.48 -22.49
C THR A 362 13.77 -17.98 -22.55
N GLY A 363 13.21 -17.27 -21.57
CA GLY A 363 13.40 -15.83 -21.45
C GLY A 363 13.89 -15.54 -20.04
N ALA A 364 14.37 -14.33 -19.80
CA ALA A 364 14.91 -13.98 -18.49
C ALA A 364 14.07 -13.08 -17.60
N ALA A 365 13.25 -12.22 -18.21
CA ALA A 365 12.43 -11.27 -17.45
C ALA A 365 11.36 -10.69 -18.38
N TRP A 366 10.39 -9.97 -17.82
CA TRP A 366 9.31 -9.44 -18.65
C TRP A 366 9.70 -8.58 -19.85
N PRO A 367 10.89 -7.95 -19.83
CA PRO A 367 11.20 -7.15 -21.03
C PRO A 367 11.37 -8.06 -22.26
N GLY A 368 11.57 -9.35 -22.02
CA GLY A 368 11.78 -10.29 -23.11
C GLY A 368 10.55 -10.89 -23.78
N HIS A 369 9.36 -10.43 -23.44
CA HIS A 369 8.15 -10.99 -24.05
C HIS A 369 8.09 -11.00 -25.58
N PRO A 370 8.55 -9.94 -26.24
CA PRO A 370 8.49 -9.95 -27.70
C PRO A 370 9.19 -11.16 -28.33
N GLU A 371 10.44 -11.41 -27.94
CA GLU A 371 11.19 -12.54 -28.48
C GLU A 371 10.67 -13.85 -27.91
N PHE A 372 10.17 -13.81 -26.68
CA PHE A 372 9.62 -14.99 -26.01
C PHE A 372 8.44 -15.51 -26.85
N VAL A 373 7.50 -14.63 -27.14
CA VAL A 373 6.33 -14.99 -27.91
C VAL A 373 6.68 -15.29 -29.37
N SER A 374 7.53 -14.47 -29.98
CA SER A 374 7.88 -14.70 -31.37
C SER A 374 8.60 -16.04 -31.57
N GLN A 375 9.44 -16.43 -30.61
CA GLN A 375 10.15 -17.69 -30.76
C GLN A 375 9.21 -18.87 -30.52
N LEU A 376 8.21 -18.69 -29.67
CA LEU A 376 7.24 -19.76 -29.42
C LEU A 376 6.41 -19.89 -30.71
N MET A 377 6.04 -18.76 -31.29
CA MET A 377 5.28 -18.75 -32.54
C MET A 377 6.04 -19.54 -33.61
N ALA A 378 7.34 -19.32 -33.69
CA ALA A 378 8.17 -20.01 -34.66
C ALA A 378 8.09 -21.53 -34.50
N LEU A 379 8.14 -21.99 -33.26
CA LEU A 379 8.05 -23.43 -33.00
C LEU A 379 6.69 -23.99 -33.34
N LEU A 380 5.66 -23.15 -33.19
CA LEU A 380 4.29 -23.57 -33.47
C LEU A 380 3.89 -23.37 -34.93
N GLY A 381 4.78 -22.76 -35.71
CA GLY A 381 4.47 -22.54 -37.11
C GLY A 381 3.45 -21.44 -37.30
N ILE A 382 3.39 -20.52 -36.35
CA ILE A 382 2.46 -19.40 -36.42
C ILE A 382 3.21 -18.19 -36.98
N GLN A 383 2.63 -17.55 -37.98
CA GLN A 383 3.28 -16.39 -38.59
C GLN A 383 2.28 -15.27 -38.85
N VAL A 384 2.77 -14.04 -38.81
CA VAL A 384 1.96 -12.87 -39.10
C VAL A 384 2.63 -12.24 -40.31
N SER A 385 1.87 -12.11 -41.40
CA SER A 385 2.41 -11.55 -42.63
C SER A 385 1.65 -10.31 -43.08
N PHE A 386 2.37 -9.35 -43.65
CA PHE A 386 1.77 -8.11 -44.12
C PHE A 386 1.95 -7.95 -45.63
N ASN B 1 32.45 -9.17 24.90
CA ASN B 1 32.89 -9.84 23.64
C ASN B 1 32.66 -11.35 23.71
N SER B 2 33.75 -12.09 23.88
CA SER B 2 33.71 -13.55 23.97
C SER B 2 33.40 -14.20 22.64
N ARG B 3 32.30 -13.78 22.00
CA ARG B 3 31.90 -14.32 20.70
C ARG B 3 31.48 -13.20 19.77
N THR B 4 31.83 -13.35 18.49
CA THR B 4 31.49 -12.37 17.46
C THR B 4 30.87 -13.11 16.27
N VAL B 5 29.73 -12.62 15.81
CA VAL B 5 29.02 -13.24 14.70
C VAL B 5 28.77 -12.25 13.55
N LEU B 6 28.83 -12.77 12.33
CA LEU B 6 28.61 -11.96 11.12
C LEU B 6 27.29 -12.38 10.50
N ILE B 7 26.47 -11.40 10.09
CA ILE B 7 25.20 -11.71 9.45
C ILE B 7 25.27 -11.25 8.00
N LEU B 8 25.10 -12.18 7.07
CA LEU B 8 25.16 -11.89 5.64
C LEU B 8 23.82 -11.28 5.19
N CYS B 9 23.79 -9.96 5.05
CA CYS B 9 22.57 -9.26 4.66
C CYS B 9 22.46 -8.92 3.17
N GLY B 10 21.26 -8.54 2.77
CA GLY B 10 21.01 -8.17 1.39
C GLY B 10 19.67 -7.46 1.27
N ASP B 11 19.46 -6.78 0.16
CA ASP B 11 18.20 -6.07 -0.05
C ASP B 11 17.05 -7.06 -0.14
N TYR B 12 15.98 -6.74 0.58
CA TYR B 12 14.78 -7.56 0.65
C TYR B 12 14.94 -8.90 1.36
N MET B 13 15.90 -8.95 2.28
CA MET B 13 16.08 -10.13 3.10
C MET B 13 14.82 -10.04 3.99
N GLU B 14 14.37 -11.15 4.57
CA GLU B 14 13.18 -11.13 5.42
C GLU B 14 13.45 -10.35 6.73
N ASP B 15 12.60 -9.38 7.01
CA ASP B 15 12.75 -8.51 8.18
C ASP B 15 12.96 -9.23 9.51
N TYR B 16 12.11 -10.22 9.81
CA TYR B 16 12.25 -10.98 11.06
C TYR B 16 13.55 -11.77 11.06
N GLU B 17 13.88 -12.36 9.91
CA GLU B 17 15.06 -13.20 9.79
C GLU B 17 16.40 -12.51 9.96
N VAL B 18 16.41 -11.18 9.86
CA VAL B 18 17.65 -10.47 10.10
C VAL B 18 17.60 -9.85 11.49
N MET B 19 16.50 -9.16 11.82
CA MET B 19 16.39 -8.51 13.13
C MET B 19 16.34 -9.41 14.36
N VAL B 20 15.58 -10.51 14.30
CA VAL B 20 15.50 -11.38 15.47
C VAL B 20 16.89 -11.91 15.87
N PRO B 21 17.63 -12.52 14.94
CA PRO B 21 18.95 -13.01 15.37
C PRO B 21 19.90 -11.86 15.72
N PHE B 22 19.83 -10.77 14.98
CA PHE B 22 20.70 -9.64 15.24
C PHE B 22 20.57 -9.14 16.68
N GLN B 23 19.33 -8.99 17.14
CA GLN B 23 19.09 -8.50 18.48
C GLN B 23 19.11 -9.57 19.58
N ALA B 24 18.64 -10.77 19.26
CA ALA B 24 18.66 -11.84 20.26
C ALA B 24 20.10 -12.22 20.61
N LEU B 25 20.93 -12.40 19.59
CA LEU B 25 22.32 -12.77 19.82
C LEU B 25 23.06 -11.71 20.64
N GLN B 26 22.74 -10.44 20.39
CA GLN B 26 23.36 -9.37 21.15
C GLN B 26 22.86 -9.41 22.59
N ALA B 27 21.57 -9.74 22.76
CA ALA B 27 20.99 -9.83 24.10
C ALA B 27 21.72 -10.91 24.89
N PHE B 28 22.22 -11.91 24.17
CA PHE B 28 22.92 -13.03 24.79
C PHE B 28 24.43 -12.78 24.97
N GLY B 29 24.86 -11.54 24.76
CA GLY B 29 26.27 -11.21 24.95
C GLY B 29 27.18 -11.45 23.76
N ILE B 30 26.62 -11.57 22.57
CA ILE B 30 27.40 -11.79 21.37
C ILE B 30 27.50 -10.51 20.55
N THR B 31 28.70 -10.19 20.07
CA THR B 31 28.89 -9.01 19.24
C THR B 31 28.45 -9.41 17.85
N VAL B 32 27.54 -8.63 17.26
CA VAL B 32 27.06 -8.97 15.93
C VAL B 32 27.30 -7.86 14.91
N HIS B 33 27.86 -8.24 13.77
CA HIS B 33 28.13 -7.31 12.68
C HIS B 33 27.27 -7.72 11.50
N THR B 34 26.76 -6.73 10.77
CA THR B 34 25.91 -6.98 9.61
C THR B 34 26.52 -6.33 8.37
N VAL B 35 26.56 -7.09 7.27
CA VAL B 35 27.14 -6.58 6.03
C VAL B 35 26.32 -6.95 4.80
N CYS B 36 26.53 -6.20 3.73
CA CYS B 36 25.87 -6.43 2.45
C CYS B 36 26.86 -5.99 1.37
N PRO B 37 27.11 -6.85 0.36
CA PRO B 37 28.05 -6.46 -0.69
C PRO B 37 27.61 -5.16 -1.36
N GLY B 38 28.58 -4.31 -1.70
CA GLY B 38 28.25 -3.05 -2.34
C GLY B 38 27.76 -1.97 -1.40
N LYS B 39 27.76 -2.26 -0.10
CA LYS B 39 27.30 -1.29 0.89
C LYS B 39 28.27 -1.18 2.06
N LYS B 40 28.22 -0.05 2.75
CA LYS B 40 29.10 0.21 3.89
C LYS B 40 28.32 0.34 5.18
N ALA B 41 29.03 0.26 6.30
CA ALA B 41 28.41 0.40 7.61
C ALA B 41 27.67 1.74 7.61
N GLY B 42 26.43 1.73 8.08
CA GLY B 42 25.65 2.95 8.10
C GLY B 42 24.63 2.97 6.97
N ASP B 43 24.89 2.20 5.92
CA ASP B 43 23.96 2.12 4.79
C ASP B 43 22.79 1.27 5.24
N SER B 44 21.69 1.35 4.50
CA SER B 44 20.50 0.59 4.84
C SER B 44 20.08 -0.34 3.70
N CYS B 45 19.35 -1.38 4.07
CA CYS B 45 18.82 -2.35 3.13
C CYS B 45 17.32 -2.41 3.31
N PRO B 46 16.55 -2.46 2.21
CA PRO B 46 15.10 -2.54 2.41
C PRO B 46 14.88 -3.99 2.85
N THR B 47 13.79 -4.26 3.55
CA THR B 47 13.52 -5.64 3.97
C THR B 47 12.15 -6.06 3.48
N ALA B 48 11.91 -7.37 3.48
CA ALA B 48 10.62 -7.88 3.04
C ALA B 48 9.87 -8.50 4.20
N VAL B 49 8.56 -8.32 4.18
CA VAL B 49 7.68 -8.92 5.17
C VAL B 49 7.01 -10.09 4.44
N HIS B 50 7.33 -11.31 4.84
CA HIS B 50 6.74 -12.47 4.21
C HIS B 50 5.76 -13.06 5.20
N ASP B 51 4.48 -12.95 4.84
CA ASP B 51 3.39 -13.42 5.68
C ASP B 51 2.67 -14.58 5.00
N PHE B 52 2.23 -15.54 5.81
CA PHE B 52 1.51 -16.69 5.31
C PHE B 52 0.04 -16.41 5.63
N CYS B 53 -0.67 -15.87 4.65
CA CYS B 53 -2.06 -15.48 4.82
C CYS B 53 -3.09 -16.33 4.09
N GLY B 54 -2.89 -17.64 4.04
CA GLY B 54 -3.84 -18.51 3.39
C GLY B 54 -3.73 -18.73 1.89
N HIS B 55 -2.69 -18.19 1.27
CA HIS B 55 -2.49 -18.38 -0.17
C HIS B 55 -1.61 -19.61 -0.36
N GLN B 56 -1.43 -20.04 -1.60
CA GLN B 56 -0.60 -21.21 -1.85
C GLN B 56 0.86 -20.96 -1.53
N THR B 57 1.21 -19.69 -1.34
CA THR B 57 2.57 -19.30 -0.96
C THR B 57 2.47 -18.01 -0.16
N TYR B 58 3.60 -17.50 0.32
CA TYR B 58 3.56 -16.28 1.12
C TYR B 58 3.25 -14.99 0.37
N PHE B 59 2.76 -14.01 1.11
CA PHE B 59 2.45 -12.69 0.60
C PHE B 59 3.62 -11.81 1.03
N GLU B 60 3.93 -10.78 0.26
CA GLU B 60 5.03 -9.88 0.62
C GLU B 60 4.68 -8.41 0.58
N SER B 61 5.17 -7.68 1.58
CA SER B 61 5.02 -6.23 1.63
C SER B 61 6.38 -5.78 2.15
N ARG B 62 6.62 -4.47 2.21
CA ARG B 62 7.92 -3.98 2.66
C ARG B 62 8.01 -3.79 4.17
N GLY B 63 9.14 -4.19 4.75
CA GLY B 63 9.34 -4.06 6.19
C GLY B 63 10.18 -2.86 6.58
N HIS B 64 10.78 -2.91 7.77
CA HIS B 64 11.63 -1.80 8.22
C HIS B 64 12.90 -1.75 7.40
N ASN B 65 13.45 -0.55 7.21
CA ASN B 65 14.72 -0.45 6.52
C ASN B 65 15.71 -0.92 7.58
N PHE B 66 16.69 -1.73 7.18
CA PHE B 66 17.67 -2.23 8.13
C PHE B 66 19.02 -1.53 7.95
N THR B 67 19.55 -0.98 9.04
CA THR B 67 20.83 -0.28 8.99
C THR B 67 22.00 -1.19 9.34
N LEU B 68 22.91 -1.34 8.38
CA LEU B 68 24.10 -2.17 8.54
C LEU B 68 25.08 -1.49 9.49
N ASN B 69 25.86 -2.28 10.23
CA ASN B 69 26.83 -1.69 11.15
C ASN B 69 28.25 -2.10 10.81
N ALA B 70 28.41 -2.76 9.66
CA ALA B 70 29.74 -3.19 9.22
C ALA B 70 29.88 -3.06 7.70
N THR B 71 31.12 -3.07 7.23
CA THR B 71 31.41 -2.92 5.81
C THR B 71 31.91 -4.22 5.18
N PHE B 72 31.10 -4.76 4.27
CA PHE B 72 31.39 -6.01 3.59
C PHE B 72 32.81 -6.16 3.05
N ASP B 73 33.28 -5.14 2.35
CA ASP B 73 34.61 -5.15 1.75
C ASP B 73 35.77 -5.13 2.73
N GLU B 74 35.50 -4.89 4.01
CA GLU B 74 36.56 -4.85 5.01
C GLU B 74 36.49 -6.02 5.98
N VAL B 75 35.61 -6.97 5.67
CA VAL B 75 35.43 -8.14 6.51
C VAL B 75 36.68 -9.00 6.65
N ASP B 76 37.04 -9.29 7.90
CA ASP B 76 38.19 -10.13 8.22
C ASP B 76 37.59 -11.36 8.90
N LEU B 77 37.36 -12.41 8.11
CA LEU B 77 36.75 -13.63 8.63
C LEU B 77 37.36 -14.21 9.89
N SER B 78 38.66 -14.03 10.09
CA SER B 78 39.32 -14.57 11.28
C SER B 78 38.80 -13.95 12.58
N LYS B 79 38.03 -12.88 12.47
CA LYS B 79 37.47 -12.20 13.64
C LYS B 79 36.09 -12.73 14.03
N TYR B 80 35.53 -13.60 13.20
CA TYR B 80 34.19 -14.13 13.45
C TYR B 80 34.13 -15.60 13.85
N ASP B 81 33.32 -15.88 14.87
CA ASP B 81 33.15 -17.23 15.38
C ASP B 81 31.98 -17.95 14.72
N GLY B 82 31.05 -17.17 14.17
CA GLY B 82 29.89 -17.76 13.53
C GLY B 82 29.31 -16.89 12.43
N LEU B 83 28.50 -17.49 11.57
CA LEU B 83 27.88 -16.78 10.45
C LEU B 83 26.39 -17.08 10.39
N VAL B 84 25.59 -16.04 10.16
CA VAL B 84 24.14 -16.21 10.05
C VAL B 84 23.70 -15.73 8.67
N ILE B 85 22.84 -16.51 8.02
CA ILE B 85 22.35 -16.16 6.70
C ILE B 85 20.82 -16.05 6.72
N PRO B 86 20.30 -14.81 6.77
CA PRO B 86 18.85 -14.57 6.78
C PRO B 86 18.22 -14.98 5.46
N GLY B 87 16.91 -15.22 5.48
CA GLY B 87 16.18 -15.60 4.27
C GLY B 87 15.59 -14.38 3.57
N GLY B 88 14.50 -14.59 2.85
CA GLY B 88 13.88 -13.51 2.12
C GLY B 88 14.29 -13.60 0.65
N ARG B 89 14.27 -12.49 -0.07
CA ARG B 89 14.64 -12.49 -1.47
C ARG B 89 16.08 -12.06 -1.73
N ALA B 90 16.83 -11.78 -0.67
CA ALA B 90 18.22 -11.38 -0.80
C ALA B 90 19.09 -12.57 -1.22
N PRO B 91 18.88 -13.74 -0.59
CA PRO B 91 19.70 -14.91 -0.96
C PRO B 91 19.81 -15.23 -2.46
N GLU B 92 18.72 -15.15 -3.22
CA GLU B 92 18.81 -15.50 -4.62
C GLU B 92 19.83 -14.67 -5.38
N TYR B 93 19.95 -13.39 -5.08
CA TYR B 93 20.93 -12.58 -5.79
C TYR B 93 22.30 -12.60 -5.11
N LEU B 94 22.30 -12.76 -3.78
CA LEU B 94 23.57 -12.82 -3.05
C LEU B 94 24.30 -14.08 -3.50
N ALA B 95 23.53 -15.13 -3.80
CA ALA B 95 24.06 -16.40 -4.22
C ALA B 95 24.80 -16.33 -5.57
N LEU B 96 24.52 -15.28 -6.33
CA LEU B 96 25.16 -15.08 -7.63
C LEU B 96 26.24 -14.01 -7.56
N THR B 97 26.51 -13.53 -6.34
CA THR B 97 27.54 -12.51 -6.12
C THR B 97 28.83 -13.24 -5.77
N ALA B 98 29.79 -13.20 -6.69
CA ALA B 98 31.08 -13.87 -6.50
C ALA B 98 31.73 -13.66 -5.13
N SER B 99 31.77 -12.41 -4.68
CA SER B 99 32.38 -12.08 -3.39
C SER B 99 31.68 -12.78 -2.24
N VAL B 100 30.37 -12.93 -2.35
CA VAL B 100 29.58 -13.59 -1.32
C VAL B 100 29.86 -15.08 -1.31
N VAL B 101 29.89 -15.67 -2.49
CA VAL B 101 30.15 -17.10 -2.61
C VAL B 101 31.54 -17.44 -2.07
N GLU B 102 32.49 -16.56 -2.34
CA GLU B 102 33.87 -16.75 -1.88
C GLU B 102 33.91 -16.69 -0.34
N LEU B 103 33.19 -15.73 0.22
CA LEU B 103 33.14 -15.55 1.67
C LEU B 103 32.58 -16.80 2.35
N VAL B 104 31.41 -17.24 1.88
CA VAL B 104 30.76 -18.41 2.46
C VAL B 104 31.60 -19.67 2.34
N LYS B 105 32.21 -19.89 1.17
CA LYS B 105 33.04 -21.07 0.97
C LYS B 105 34.18 -21.11 1.98
N GLU B 106 34.85 -19.98 2.17
CA GLU B 106 35.96 -19.89 3.11
C GLU B 106 35.51 -20.14 4.54
N PHE B 107 34.39 -19.54 4.93
CA PHE B 107 33.89 -19.70 6.29
C PHE B 107 33.48 -21.14 6.55
N SER B 108 32.80 -21.75 5.58
CA SER B 108 32.35 -23.13 5.73
C SER B 108 33.57 -24.05 5.88
N ARG B 109 34.60 -23.76 5.08
CA ARG B 109 35.82 -24.54 5.09
C ARG B 109 36.53 -24.47 6.45
N SER B 110 36.42 -23.32 7.10
CA SER B 110 37.06 -23.13 8.40
C SER B 110 36.46 -24.02 9.48
N GLY B 111 35.25 -24.52 9.24
CA GLY B 111 34.60 -25.39 10.20
C GLY B 111 33.78 -24.67 11.27
N LYS B 112 33.69 -23.36 11.17
CA LYS B 112 32.93 -22.57 12.14
C LYS B 112 31.42 -22.71 11.89
N PRO B 113 30.60 -22.54 12.93
CA PRO B 113 29.14 -22.66 12.79
C PRO B 113 28.49 -21.69 11.83
N ILE B 114 27.59 -22.22 11.01
CA ILE B 114 26.83 -21.42 10.05
C ILE B 114 25.36 -21.72 10.30
N ALA B 115 24.59 -20.68 10.55
CA ALA B 115 23.15 -20.82 10.78
C ALA B 115 22.47 -20.16 9.59
N SER B 116 21.83 -20.97 8.74
CA SER B 116 21.16 -20.46 7.56
C SER B 116 19.67 -20.77 7.65
N ILE B 117 18.84 -19.79 7.29
CA ILE B 117 17.41 -19.98 7.40
C ILE B 117 16.59 -19.67 6.16
N HIS B 119 15.34 -19.19 2.81
CA HIS B 119 15.97 -19.15 1.48
C HIS B 119 17.48 -18.92 1.55
N GLY B 120 17.98 -18.61 2.74
CA GLY B 120 19.39 -18.35 2.89
C GLY B 120 20.26 -19.47 2.33
N GLN B 121 19.75 -20.69 2.47
CA GLN B 121 20.46 -21.89 2.02
C GLN B 121 20.82 -21.89 0.54
N LEU B 122 20.16 -21.04 -0.24
CA LEU B 122 20.48 -20.97 -1.66
C LEU B 122 21.95 -20.59 -1.81
N ILE B 123 22.45 -19.77 -0.89
CA ILE B 123 23.85 -19.36 -0.95
C ILE B 123 24.77 -20.54 -0.65
N LEU B 124 24.35 -21.41 0.26
CA LEU B 124 25.15 -22.59 0.61
C LEU B 124 25.25 -23.51 -0.60
N ALA B 125 24.16 -23.63 -1.34
CA ALA B 125 24.13 -24.48 -2.53
C ALA B 125 25.09 -23.89 -3.57
N ALA B 126 25.03 -22.59 -3.77
CA ALA B 126 25.90 -21.92 -4.74
C ALA B 126 27.37 -22.03 -4.34
N ALA B 127 27.63 -22.05 -3.03
CA ALA B 127 28.99 -22.15 -2.51
C ALA B 127 29.45 -23.61 -2.46
N ASP B 128 28.56 -24.52 -2.84
CA ASP B 128 28.85 -25.96 -2.84
C ASP B 128 29.34 -26.43 -1.48
N THR B 129 28.61 -26.08 -0.44
CA THR B 129 29.00 -26.44 0.92
C THR B 129 27.99 -27.33 1.65
N VAL B 130 27.13 -28.02 0.92
CA VAL B 130 26.14 -28.88 1.55
C VAL B 130 26.21 -30.36 1.18
N ASN B 131 27.18 -30.73 0.33
CA ASN B 131 27.30 -32.13 -0.07
C ASN B 131 27.52 -33.03 1.14
N GLY B 132 26.62 -34.02 1.30
CA GLY B 132 26.72 -34.94 2.41
C GLY B 132 26.28 -34.35 3.75
N ARG B 133 25.79 -33.11 3.71
CA ARG B 133 25.34 -32.45 4.93
C ARG B 133 23.82 -32.52 5.08
N LYS B 134 23.37 -32.86 6.28
CA LYS B 134 21.94 -32.95 6.55
C LYS B 134 21.44 -31.53 6.80
N CYS B 135 20.35 -31.16 6.14
CA CYS B 135 19.82 -29.81 6.32
C CYS B 135 18.40 -29.65 5.81
N THR B 136 17.71 -28.65 6.32
CA THR B 136 16.36 -28.34 5.88
C THR B 136 16.50 -26.91 5.34
N ALA B 137 15.39 -26.34 4.90
CA ALA B 137 15.33 -24.98 4.38
C ALA B 137 13.89 -24.74 3.98
N TYR B 138 13.59 -23.57 3.42
CA TYR B 138 12.24 -23.33 2.97
C TYR B 138 12.03 -24.44 1.94
N ALA B 139 10.87 -25.06 1.94
CA ALA B 139 10.58 -26.17 1.04
C ALA B 139 11.01 -26.01 -0.42
N THR B 140 10.83 -24.82 -0.98
CA THR B 140 11.17 -24.58 -2.38
C THR B 140 12.66 -24.61 -2.70
N VAL B 141 13.49 -24.60 -1.66
CA VAL B 141 14.94 -24.63 -1.84
C VAL B 141 15.42 -26.08 -1.87
N GLY B 142 14.54 -27.00 -1.51
CA GLY B 142 14.89 -28.41 -1.50
C GLY B 142 15.54 -28.92 -2.76
N PRO B 143 14.91 -28.73 -3.93
CA PRO B 143 15.49 -29.20 -5.20
C PRO B 143 16.94 -28.78 -5.42
N SER B 144 17.24 -27.49 -5.20
CA SER B 144 18.61 -27.01 -5.39
C SER B 144 19.58 -27.66 -4.41
N LEU B 145 19.17 -27.82 -3.15
CA LEU B 145 20.04 -28.42 -2.15
C LEU B 145 20.28 -29.89 -2.48
N VAL B 146 19.24 -30.59 -2.91
CA VAL B 146 19.38 -31.99 -3.27
C VAL B 146 20.37 -32.09 -4.45
N ALA B 147 20.21 -31.19 -5.42
CA ALA B 147 21.08 -31.18 -6.58
C ALA B 147 22.52 -30.92 -6.15
N ALA B 148 22.68 -30.17 -5.07
CA ALA B 148 24.00 -29.81 -4.53
C ALA B 148 24.59 -30.91 -3.64
N GLY B 149 23.86 -32.02 -3.51
CA GLY B 149 24.36 -33.12 -2.71
C GLY B 149 23.96 -33.17 -1.25
N ALA B 150 23.03 -32.31 -0.85
CA ALA B 150 22.60 -32.28 0.54
C ALA B 150 21.76 -33.51 0.91
N LYS B 151 21.74 -33.81 2.21
CA LYS B 151 20.92 -34.89 2.72
C LYS B 151 19.70 -34.07 3.17
N TRP B 152 18.81 -33.85 2.22
CA TRP B 152 17.61 -33.04 2.41
C TRP B 152 16.58 -33.52 3.41
N VAL B 153 16.16 -32.59 4.27
CA VAL B 153 15.14 -32.85 5.28
C VAL B 153 13.95 -31.96 4.96
N GLU B 154 12.92 -32.54 4.34
CA GLU B 154 11.73 -31.78 4.00
C GLU B 154 11.10 -31.34 5.32
N PRO B 155 10.83 -30.04 5.47
CA PRO B 155 10.23 -29.54 6.71
C PRO B 155 8.76 -29.94 6.85
N ILE B 156 8.46 -30.82 7.80
CA ILE B 156 7.09 -31.26 8.01
C ILE B 156 6.22 -30.10 8.50
N THR B 157 6.84 -29.20 9.25
CA THR B 157 6.17 -28.01 9.78
C THR B 157 7.12 -26.81 9.65
N PRO B 158 6.56 -25.59 9.64
CA PRO B 158 7.35 -24.35 9.51
C PRO B 158 8.44 -24.14 10.57
N ASP B 159 8.31 -24.80 11.71
CA ASP B 159 9.27 -24.62 12.80
C ASP B 159 10.42 -25.62 12.81
N VAL B 160 10.48 -26.50 11.81
CA VAL B 160 11.54 -27.51 11.76
C VAL B 160 12.95 -26.94 11.64
N CYS B 161 13.85 -27.49 12.45
CA CYS B 161 15.25 -27.09 12.43
C CYS B 161 16.10 -28.34 12.35
N VAL B 162 17.28 -28.20 11.77
CA VAL B 162 18.20 -29.33 11.63
C VAL B 162 19.61 -28.87 11.97
N VAL B 163 20.36 -29.76 12.59
CA VAL B 163 21.73 -29.46 12.94
C VAL B 163 22.58 -30.64 12.52
N ASP B 164 23.65 -30.35 11.78
CA ASP B 164 24.58 -31.37 11.33
C ASP B 164 25.96 -30.77 11.53
N GLY B 165 26.55 -31.05 12.69
CA GLY B 165 27.86 -30.50 12.96
C GLY B 165 27.80 -28.99 13.03
N SER B 166 28.63 -28.33 12.22
CA SER B 166 28.69 -26.87 12.21
C SER B 166 27.60 -26.21 11.36
N LEU B 167 26.69 -27.00 10.81
CA LEU B 167 25.63 -26.44 9.98
C LEU B 167 24.26 -26.51 10.65
N ILE B 168 23.71 -25.34 10.95
CA ILE B 168 22.40 -25.24 11.58
C ILE B 168 21.44 -24.63 10.57
N THR B 169 20.31 -25.28 10.33
CA THR B 169 19.35 -24.77 9.36
C THR B 169 17.92 -24.77 9.85
N ALA B 170 17.13 -23.84 9.33
CA ALA B 170 15.71 -23.71 9.67
C ALA B 170 14.94 -23.43 8.37
N ALA B 171 13.63 -23.66 8.39
CA ALA B 171 12.79 -23.46 7.21
C ALA B 171 12.12 -22.09 7.12
N THR B 172 11.68 -21.55 8.25
CA THR B 172 11.02 -20.24 8.28
C THR B 172 11.29 -19.59 9.63
N TYR B 173 10.92 -18.31 9.77
CA TYR B 173 11.14 -17.63 11.05
C TYR B 173 10.37 -18.28 12.20
N GLU B 174 9.42 -19.16 11.90
CA GLU B 174 8.67 -19.84 12.95
C GLU B 174 9.63 -20.76 13.72
N GLY B 175 10.77 -21.07 13.11
CA GLY B 175 11.75 -21.92 13.78
C GLY B 175 12.84 -21.16 14.49
N HIS B 176 12.74 -19.84 14.54
CA HIS B 176 13.75 -19.01 15.19
C HIS B 176 14.22 -19.48 16.58
N PRO B 177 13.28 -19.84 17.48
CA PRO B 177 13.68 -20.28 18.82
C PRO B 177 14.72 -21.39 18.83
N GLU B 178 14.41 -22.53 18.21
CA GLU B 178 15.36 -23.63 18.18
C GLU B 178 16.56 -23.30 17.30
N PHE B 179 16.31 -22.54 16.22
CA PHE B 179 17.36 -22.13 15.31
C PHE B 179 18.46 -21.38 16.06
N ILE B 180 18.04 -20.37 16.81
CA ILE B 180 18.98 -19.56 17.59
C ILE B 180 19.62 -20.35 18.73
N GLN B 181 18.82 -21.19 19.41
CA GLN B 181 19.34 -21.98 20.51
C GLN B 181 20.46 -22.90 20.01
N LEU B 182 20.21 -23.61 18.92
CA LEU B 182 21.20 -24.52 18.35
C LEU B 182 22.47 -23.77 17.95
N PHE B 183 22.31 -22.58 17.40
CA PHE B 183 23.45 -21.78 16.97
C PHE B 183 24.26 -21.36 18.18
N VAL B 184 23.58 -20.99 19.26
CA VAL B 184 24.26 -20.58 20.48
C VAL B 184 25.06 -21.76 21.03
N LYS B 185 24.47 -22.95 20.97
CA LYS B 185 25.17 -24.14 21.45
C LYS B 185 26.39 -24.41 20.57
N ALA B 186 26.23 -24.24 19.27
CA ALA B 186 27.32 -24.45 18.33
C ALA B 186 28.50 -23.51 18.63
N LEU B 187 28.18 -22.34 19.18
CA LEU B 187 29.21 -21.37 19.52
C LEU B 187 29.83 -21.70 20.88
N GLY B 188 29.42 -22.83 21.45
CA GLY B 188 29.93 -23.23 22.74
C GLY B 188 29.18 -22.55 23.87
N GLY B 189 27.94 -22.15 23.61
CA GLY B 189 27.16 -21.48 24.63
C GLY B 189 26.32 -22.41 25.49
N LYS B 190 26.10 -22.01 26.72
CA LYS B 190 25.29 -22.79 27.66
C LYS B 190 24.24 -21.88 28.28
N ILE B 191 23.00 -22.35 28.29
CA ILE B 191 21.88 -21.59 28.83
C ILE B 191 21.42 -22.18 30.17
N THR B 192 21.22 -21.33 31.17
CA THR B 192 20.77 -21.79 32.48
C THR B 192 19.67 -20.91 33.04
N GLY B 193 18.76 -21.53 33.79
CA GLY B 193 17.66 -20.80 34.42
C GLY B 193 16.50 -20.41 33.52
N ALA B 194 16.46 -20.96 32.31
CA ALA B 194 15.40 -20.64 31.35
C ALA B 194 14.04 -21.30 31.58
N ASN B 195 13.88 -22.02 32.68
CA ASN B 195 12.59 -22.67 32.95
C ASN B 195 11.61 -21.64 33.51
N LYS B 196 11.18 -20.72 32.65
CA LYS B 196 10.27 -19.66 33.05
C LYS B 196 9.10 -19.51 32.07
N ARG B 197 8.00 -18.94 32.57
CA ARG B 197 6.81 -18.72 31.76
C ARG B 197 6.65 -17.21 31.62
N ILE B 198 6.55 -16.74 30.37
CA ILE B 198 6.42 -15.31 30.12
C ILE B 198 5.11 -15.01 29.40
N LEU B 199 4.45 -13.92 29.80
CA LEU B 199 3.19 -13.52 29.20
C LEU B 199 3.34 -12.19 28.47
N PHE B 200 2.88 -12.15 27.21
CA PHE B 200 2.93 -10.94 26.40
C PHE B 200 1.55 -10.30 26.25
N LEU B 201 1.46 -9.02 26.57
CA LEU B 201 0.20 -8.29 26.43
C LEU B 201 0.18 -7.68 25.04
N CYS B 202 -0.49 -8.38 24.12
CA CYS B 202 -0.57 -7.97 22.73
C CYS B 202 -1.87 -7.26 22.35
N GLY B 203 -1.86 -6.65 21.19
CA GLY B 203 -3.03 -5.94 20.70
C GLY B 203 -2.88 -5.60 19.24
N ASP B 204 -3.96 -5.15 18.62
CA ASP B 204 -3.92 -4.78 17.21
C ASP B 204 -2.99 -3.59 17.02
N TYR B 205 -2.14 -3.69 16.00
CA TYR B 205 -1.19 -2.65 15.62
C TYR B 205 -0.05 -2.41 16.59
N MET B 206 0.28 -3.44 17.36
CA MET B 206 1.43 -3.35 18.26
C MET B 206 2.58 -3.33 17.26
N GLU B 207 3.75 -2.83 17.66
CA GLU B 207 4.88 -2.76 16.73
C GLU B 207 5.43 -4.14 16.42
N ASP B 208 5.51 -4.42 15.12
CA ASP B 208 5.97 -5.70 14.56
C ASP B 208 7.23 -6.27 15.21
N TYR B 209 8.28 -5.47 15.33
CA TYR B 209 9.54 -5.93 15.95
C TYR B 209 9.38 -6.14 17.45
N GLU B 210 8.73 -5.18 18.10
CA GLU B 210 8.59 -5.19 19.54
C GLU B 210 7.83 -6.36 20.13
N VAL B 211 7.07 -7.08 19.31
CA VAL B 211 6.40 -8.25 19.81
C VAL B 211 7.23 -9.47 19.42
N LYS B 212 7.58 -9.59 18.13
CA LYS B 212 8.33 -10.73 17.64
C LYS B 212 9.75 -10.93 18.19
N VAL B 213 10.53 -9.86 18.28
CA VAL B 213 11.90 -10.03 18.76
C VAL B 213 12.00 -10.50 20.22
N PRO B 214 11.35 -9.81 21.15
CA PRO B 214 11.43 -10.26 22.54
C PRO B 214 10.80 -11.64 22.74
N PHE B 215 9.68 -11.85 22.07
CA PHE B 215 8.94 -13.10 22.15
C PHE B 215 9.80 -14.29 21.73
N GLN B 216 10.40 -14.21 20.55
CA GLN B 216 11.24 -15.30 20.08
C GLN B 216 12.61 -15.38 20.74
N SER B 217 13.11 -14.25 21.23
CA SER B 217 14.41 -14.25 21.92
C SER B 217 14.23 -15.07 23.19
N LEU B 218 13.15 -14.82 23.91
CA LEU B 218 12.86 -15.54 25.14
C LEU B 218 12.61 -17.02 24.88
N GLN B 219 11.92 -17.33 23.78
CA GLN B 219 11.67 -18.72 23.44
C GLN B 219 12.98 -19.43 23.10
N ALA B 220 13.90 -18.72 22.46
CA ALA B 220 15.19 -19.30 22.09
C ALA B 220 15.94 -19.77 23.32
N LEU B 221 15.75 -19.09 24.45
CA LEU B 221 16.43 -19.45 25.69
C LEU B 221 15.86 -20.72 26.28
N GLY B 222 14.60 -21.02 25.93
CA GLY B 222 13.95 -22.21 26.44
C GLY B 222 12.70 -21.90 27.24
N CYS B 223 12.35 -20.62 27.33
CA CYS B 223 11.17 -20.19 28.07
C CYS B 223 9.86 -20.53 27.38
N GLN B 224 8.81 -20.70 28.18
CA GLN B 224 7.48 -20.96 27.66
C GLN B 224 6.87 -19.56 27.56
N VAL B 225 6.58 -19.11 26.35
CA VAL B 225 6.05 -17.77 26.16
C VAL B 225 4.67 -17.77 25.50
N ASP B 226 3.74 -17.05 26.12
CA ASP B 226 2.38 -16.95 25.59
C ASP B 226 2.02 -15.50 25.28
N ALA B 227 1.15 -15.32 24.31
CA ALA B 227 0.70 -13.99 23.91
C ALA B 227 -0.82 -13.94 23.94
N VAL B 228 -1.37 -12.88 24.51
CA VAL B 228 -2.81 -12.72 24.60
C VAL B 228 -3.25 -11.33 24.14
N CYS B 229 -4.53 -11.24 23.77
CA CYS B 229 -5.14 -10.00 23.34
C CYS B 229 -6.61 -10.08 23.71
N PRO B 230 -7.17 -9.00 24.27
CA PRO B 230 -8.58 -9.01 24.67
C PRO B 230 -9.51 -9.38 23.52
N GLU B 231 -10.55 -10.15 23.85
CA GLU B 231 -11.55 -10.58 22.89
C GLU B 231 -11.05 -11.55 21.83
N LYS B 232 -9.84 -12.08 21.99
CA LYS B 232 -9.31 -13.02 21.02
C LYS B 232 -8.83 -14.30 21.68
N LYS B 233 -8.85 -15.38 20.91
CA LYS B 233 -8.42 -16.68 21.42
C LYS B 233 -7.18 -17.19 20.71
N ALA B 234 -6.61 -18.27 21.24
CA ALA B 234 -5.43 -18.87 20.65
C ALA B 234 -5.73 -19.17 19.19
N GLY B 235 -4.80 -18.84 18.31
CA GLY B 235 -5.03 -19.09 16.90
C GLY B 235 -5.46 -17.83 16.16
N ASP B 236 -6.14 -16.93 16.85
CA ASP B 236 -6.55 -15.68 16.23
C ASP B 236 -5.27 -14.88 15.99
N ARG B 237 -5.35 -13.88 15.13
CA ARG B 237 -4.19 -13.05 14.82
C ARG B 237 -4.47 -11.58 15.03
N CYS B 238 -3.38 -10.82 15.21
CA CYS B 238 -3.43 -9.37 15.37
C CYS B 238 -2.57 -8.77 14.28
N PRO B 239 -3.06 -7.72 13.61
CA PRO B 239 -2.22 -7.12 12.57
C PRO B 239 -1.17 -6.35 13.36
N THR B 240 -0.01 -6.09 12.78
CA THR B 240 1.03 -5.34 13.48
C THR B 240 1.38 -4.12 12.66
N ALA B 241 2.08 -3.18 13.29
CA ALA B 241 2.47 -1.97 12.61
C ALA B 241 3.98 -1.89 12.52
N ILE B 242 4.47 -1.43 11.38
CA ILE B 242 5.90 -1.25 11.23
C ILE B 242 6.13 0.25 11.34
N HIS B 243 6.86 0.65 12.38
CA HIS B 243 7.17 2.06 12.60
C HIS B 243 8.62 2.29 12.24
N ASP B 244 8.84 3.25 11.35
CA ASP B 244 10.18 3.55 10.88
C ASP B 244 10.29 5.05 10.68
N PHE B 245 11.51 5.58 10.76
CA PHE B 245 11.75 6.99 10.55
C PHE B 245 12.28 7.13 9.13
N GLU B 246 11.50 7.80 8.28
CA GLU B 246 11.88 7.96 6.90
C GLU B 246 12.08 9.41 6.47
N GLY B 247 12.37 10.29 7.42
CA GLY B 247 12.61 11.68 7.06
C GLY B 247 11.64 12.71 7.58
N ASP B 248 10.45 12.30 8.02
CA ASP B 248 9.49 13.26 8.53
C ASP B 248 9.72 13.52 10.02
N GLN B 249 8.95 14.44 10.60
CA GLN B 249 9.12 14.80 12.01
C GLN B 249 8.73 13.71 13.00
N THR B 250 8.03 12.69 12.51
CA THR B 250 7.67 11.57 13.35
C THR B 250 7.74 10.33 12.47
N TYR B 251 7.54 9.16 13.05
CA TYR B 251 7.63 7.91 12.29
C TYR B 251 6.49 7.61 11.32
N SER B 252 6.79 6.78 10.33
CA SER B 252 5.81 6.35 9.35
C SER B 252 5.24 5.05 9.86
N GLU B 253 4.13 4.61 9.27
CA GLU B 253 3.51 3.35 9.67
C GLU B 253 2.92 2.61 8.47
N LYS B 254 3.22 1.32 8.42
CA LYS B 254 2.70 0.44 7.38
C LYS B 254 2.53 -0.93 8.01
N PRO B 255 1.76 -1.81 7.36
CA PRO B 255 1.53 -3.16 7.89
C PRO B 255 2.77 -4.03 8.06
N GLY B 256 2.77 -4.82 9.13
CA GLY B 256 3.87 -5.73 9.39
C GLY B 256 3.29 -7.12 9.27
N HIS B 257 3.93 -8.13 9.88
CA HIS B 257 3.42 -9.50 9.82
C HIS B 257 2.23 -9.61 10.77
N THR B 258 1.30 -10.53 10.48
CA THR B 258 0.18 -10.72 11.39
C THR B 258 0.77 -11.62 12.49
N PHE B 259 0.36 -11.39 13.73
CA PHE B 259 0.90 -12.17 14.85
C PHE B 259 -0.17 -13.02 15.49
N ALA B 260 0.15 -14.31 15.68
CA ALA B 260 -0.79 -15.25 16.26
C ALA B 260 -0.76 -15.29 17.78
N LEU B 261 -1.94 -15.20 18.39
CA LEU B 261 -2.05 -15.27 19.83
C LEU B 261 -1.94 -16.76 20.17
N THR B 262 -1.50 -17.07 21.38
CA THR B 262 -1.32 -18.46 21.78
C THR B 262 -2.20 -18.94 22.91
N THR B 263 -2.90 -18.01 23.57
CA THR B 263 -3.76 -18.36 24.69
C THR B 263 -4.97 -17.43 24.74
N ASN B 264 -6.07 -17.92 25.30
CA ASN B 264 -7.31 -17.13 25.39
C ASN B 264 -7.26 -16.10 26.52
N PHE B 265 -7.40 -14.84 26.16
CA PHE B 265 -7.37 -13.76 27.14
C PHE B 265 -8.46 -13.95 28.20
N ASP B 266 -9.65 -14.36 27.75
CA ASP B 266 -10.78 -14.56 28.64
C ASP B 266 -10.61 -15.67 29.67
N ASP B 267 -9.76 -16.65 29.38
CA ASP B 267 -9.54 -17.76 30.29
C ASP B 267 -8.18 -17.70 30.96
N LEU B 268 -7.51 -16.57 30.80
CA LEU B 268 -6.17 -16.37 31.33
C LEU B 268 -6.03 -16.34 32.86
N VAL B 269 -4.95 -16.97 33.33
CA VAL B 269 -4.58 -16.99 34.75
C VAL B 269 -3.17 -16.43 34.77
N SER B 270 -3.05 -15.11 34.75
CA SER B 270 -1.75 -14.45 34.73
C SER B 270 -0.84 -14.82 35.88
N SER B 271 -1.42 -15.14 37.03
CA SER B 271 -0.64 -15.51 38.21
C SER B 271 0.27 -16.71 37.97
N SER B 272 0.00 -17.47 36.91
CA SER B 272 0.80 -18.65 36.59
C SER B 272 2.05 -18.31 35.79
N TYR B 273 2.22 -17.03 35.46
CA TYR B 273 3.39 -16.59 34.70
C TYR B 273 4.43 -15.92 35.59
N ASP B 274 5.70 -16.06 35.21
CA ASP B 274 6.80 -15.51 35.98
C ASP B 274 7.14 -14.05 35.63
N ALA B 275 6.89 -13.68 34.38
CA ALA B 275 7.19 -12.31 33.94
C ALA B 275 6.18 -11.82 32.93
N LEU B 276 6.14 -10.50 32.74
CA LEU B 276 5.21 -9.88 31.81
C LEU B 276 5.97 -8.96 30.86
N VAL B 277 5.64 -9.04 29.57
CA VAL B 277 6.29 -8.19 28.57
C VAL B 277 5.20 -7.41 27.82
N ILE B 278 5.46 -6.12 27.61
CA ILE B 278 4.50 -5.27 26.92
C ILE B 278 5.10 -4.62 25.69
N PRO B 279 4.77 -5.12 24.50
CA PRO B 279 5.29 -4.55 23.25
C PRO B 279 4.72 -3.15 23.04
N GLY B 280 5.40 -2.36 22.22
CA GLY B 280 4.94 -1.01 21.93
C GLY B 280 4.03 -0.98 20.70
N GLY B 281 3.98 0.17 20.04
CA GLY B 281 3.11 0.31 18.88
C GLY B 281 1.85 1.05 19.27
N ARG B 282 0.77 0.84 18.53
CA ARG B 282 -0.51 1.52 18.81
C ARG B 282 -1.48 0.69 19.64
N ALA B 283 -1.05 -0.49 20.05
CA ALA B 283 -1.90 -1.34 20.86
C ALA B 283 -2.01 -0.84 22.31
N PRO B 284 -0.89 -0.45 22.94
CA PRO B 284 -0.97 0.04 24.32
C PRO B 284 -1.99 1.13 24.61
N GLU B 285 -2.15 2.09 23.69
CA GLU B 285 -3.08 3.17 23.96
C GLU B 285 -4.51 2.72 24.19
N TYR B 286 -4.96 1.68 23.49
CA TYR B 286 -6.33 1.22 23.69
C TYR B 286 -6.38 0.12 24.74
N LEU B 287 -5.30 -0.65 24.87
CA LEU B 287 -5.24 -1.71 25.87
C LEU B 287 -5.24 -1.08 27.27
N ALA B 288 -4.70 0.13 27.36
CA ALA B 288 -4.63 0.85 28.63
C ALA B 288 -6.01 1.22 29.16
N LEU B 289 -7.04 1.09 28.32
CA LEU B 289 -8.41 1.41 28.73
C LEU B 289 -9.15 0.18 29.23
N ASN B 290 -8.54 -0.98 29.05
CA ASN B 290 -9.13 -2.25 29.45
C ASN B 290 -8.73 -2.59 30.89
N GLU B 291 -9.71 -2.52 31.80
CA GLU B 291 -9.46 -2.80 33.21
C GLU B 291 -8.87 -4.20 33.41
N HIS B 292 -9.23 -5.15 32.55
CA HIS B 292 -8.72 -6.51 32.66
C HIS B 292 -7.23 -6.51 32.38
N VAL B 293 -6.82 -5.69 31.41
CA VAL B 293 -5.40 -5.57 31.09
C VAL B 293 -4.69 -4.89 32.26
N LEU B 294 -5.31 -3.83 32.77
CA LEU B 294 -4.74 -3.09 33.89
C LEU B 294 -4.58 -4.01 35.11
N ASN B 295 -5.56 -4.88 35.31
CA ASN B 295 -5.52 -5.82 36.43
C ASN B 295 -4.32 -6.76 36.33
N ILE B 296 -4.01 -7.21 35.12
CA ILE B 296 -2.86 -8.09 34.93
C ILE B 296 -1.59 -7.36 35.34
N VAL B 297 -1.47 -6.11 34.89
CA VAL B 297 -0.30 -5.31 35.21
C VAL B 297 -0.17 -5.09 36.73
N LYS B 298 -1.29 -4.73 37.37
CA LYS B 298 -1.29 -4.50 38.80
C LYS B 298 -0.88 -5.75 39.57
N GLU B 299 -1.36 -6.90 39.10
CA GLU B 299 -1.03 -8.17 39.74
C GLU B 299 0.48 -8.41 39.73
N PHE B 300 1.12 -8.27 38.57
CA PHE B 300 2.55 -8.46 38.48
C PHE B 300 3.34 -7.44 39.30
N MET B 301 2.90 -6.19 39.26
CA MET B 301 3.58 -5.14 40.01
C MET B 301 3.43 -5.36 41.52
N ASN B 302 2.23 -5.71 41.97
CA ASN B 302 2.00 -5.95 43.39
C ASN B 302 2.79 -7.16 43.89
N SER B 303 2.96 -8.15 43.03
CA SER B 303 3.71 -9.35 43.39
C SER B 303 5.20 -9.14 43.16
N GLU B 304 5.54 -7.99 42.56
CA GLU B 304 6.92 -7.63 42.27
C GLU B 304 7.60 -8.59 41.31
N LYS B 305 6.83 -9.15 40.38
CA LYS B 305 7.38 -10.06 39.38
C LYS B 305 7.94 -9.19 38.24
N PRO B 306 8.95 -9.71 37.53
CA PRO B 306 9.57 -8.96 36.43
C PRO B 306 8.55 -8.48 35.39
N VAL B 307 8.63 -7.20 35.05
CA VAL B 307 7.75 -6.59 34.06
C VAL B 307 8.62 -5.77 33.13
N ALA B 308 8.58 -6.09 31.85
CA ALA B 308 9.37 -5.37 30.85
C ALA B 308 8.42 -4.72 29.85
N SER B 309 8.51 -3.40 29.76
CA SER B 309 7.64 -2.64 28.86
C SER B 309 8.52 -1.77 27.98
N ILE B 310 8.16 -1.68 26.70
CA ILE B 310 8.95 -0.89 25.78
C ILE B 310 8.18 0.09 24.91
N HIS B 312 5.82 2.56 23.58
CA HIS B 312 4.51 3.04 24.02
C HIS B 312 3.86 2.11 25.04
N GLY B 313 4.46 0.94 25.25
CA GLY B 313 3.90 0.00 26.21
C GLY B 313 3.65 0.64 27.55
N GLN B 314 4.53 1.58 27.91
CA GLN B 314 4.44 2.27 29.19
C GLN B 314 3.11 3.02 29.41
N GLN B 315 2.33 3.22 28.36
CA GLN B 315 1.04 3.88 28.49
C GLN B 315 0.13 3.02 29.37
N ILE B 316 0.30 1.71 29.28
CA ILE B 316 -0.51 0.79 30.07
C ILE B 316 -0.11 0.89 31.54
N LEU B 317 1.19 0.98 31.79
CA LEU B 317 1.69 1.08 33.15
C LEU B 317 1.19 2.37 33.78
N ALA B 318 1.24 3.47 33.03
CA ALA B 318 0.78 4.77 33.53
C ALA B 318 -0.70 4.73 33.90
N ALA B 319 -1.52 4.13 33.02
CA ALA B 319 -2.96 4.03 33.25
C ALA B 319 -3.28 3.15 34.46
N ALA B 320 -2.41 2.19 34.74
CA ALA B 320 -2.61 1.29 35.87
C ALA B 320 -2.12 1.92 37.18
N GLY B 321 -1.55 3.12 37.06
CA GLY B 321 -1.05 3.84 38.21
C GLY B 321 0.12 3.19 38.94
N VAL B 322 0.88 2.36 38.23
CA VAL B 322 2.01 1.67 38.85
C VAL B 322 3.37 2.34 38.64
N LEU B 323 3.36 3.55 38.09
CA LEU B 323 4.61 4.27 37.84
C LEU B 323 4.93 5.30 38.93
N LYS B 324 4.05 5.40 39.92
CA LYS B 324 4.25 6.35 41.00
C LYS B 324 5.53 6.07 41.78
N GLY B 325 6.47 7.01 41.72
CA GLY B 325 7.72 6.85 42.42
C GLY B 325 8.68 5.86 41.80
N ARG B 326 8.41 5.46 40.56
CA ARG B 326 9.29 4.52 39.86
C ARG B 326 10.13 5.24 38.81
N LYS B 327 11.26 4.64 38.45
CA LYS B 327 12.15 5.23 37.46
C LYS B 327 12.06 4.44 36.16
N CYS B 328 11.84 5.14 35.04
CA CYS B 328 11.72 4.45 33.77
C CYS B 328 11.84 5.38 32.57
N THR B 329 12.02 4.77 31.40
CA THR B 329 12.10 5.50 30.15
C THR B 329 10.93 4.99 29.33
N ALA B 330 10.79 5.51 28.12
CA ALA B 330 9.71 5.10 27.23
C ALA B 330 9.95 5.81 25.91
N TYR B 331 9.05 5.62 24.95
CA TYR B 331 9.22 6.31 23.68
C TYR B 331 9.25 7.78 24.09
N PRO B 332 10.16 8.57 23.50
CA PRO B 332 10.27 9.99 23.84
C PRO B 332 8.94 10.69 24.09
N ALA B 333 8.00 10.57 23.16
CA ALA B 333 6.70 11.21 23.31
C ALA B 333 5.94 10.75 24.54
N VAL B 334 6.15 9.49 24.91
CA VAL B 334 5.44 8.92 26.07
C VAL B 334 5.91 9.48 27.41
N LYS B 335 6.93 10.32 27.39
CA LYS B 335 7.42 10.93 28.62
C LYS B 335 6.26 11.67 29.29
N LEU B 336 5.35 12.18 28.47
CA LEU B 336 4.18 12.90 28.95
C LEU B 336 3.40 11.98 29.89
N ASN B 337 3.07 10.80 29.37
CA ASN B 337 2.32 9.81 30.12
C ASN B 337 3.04 9.39 31.41
N VAL B 338 4.35 9.16 31.29
CA VAL B 338 5.17 8.75 32.43
C VAL B 338 5.18 9.79 33.54
N VAL B 339 5.49 11.03 33.18
CA VAL B 339 5.54 12.12 34.15
C VAL B 339 4.18 12.35 34.76
N LEU B 340 3.13 12.40 33.94
CA LEU B 340 1.78 12.60 34.48
C LEU B 340 1.43 11.40 35.35
N GLY B 341 2.08 10.26 35.07
CA GLY B 341 1.83 9.06 35.84
C GLY B 341 2.47 9.09 37.22
N GLY B 342 3.40 10.01 37.44
CA GLY B 342 4.06 10.11 38.72
C GLY B 342 5.43 9.47 38.76
N GLY B 343 5.96 9.10 37.60
CA GLY B 343 7.26 8.46 37.56
C GLY B 343 8.42 9.40 37.28
N THR B 344 9.63 8.93 37.55
CA THR B 344 10.86 9.70 37.32
C THR B 344 11.37 9.32 35.94
N TRP B 345 11.41 10.29 35.05
CA TRP B 345 11.86 10.07 33.68
C TRP B 345 13.35 9.81 33.52
N LEU B 346 13.68 8.78 32.76
CA LEU B 346 15.06 8.44 32.46
C LEU B 346 15.19 8.66 30.96
N GLU B 347 16.05 9.58 30.56
CA GLU B 347 16.25 9.91 29.16
C GLU B 347 16.82 8.75 28.34
N PRO B 348 16.15 8.40 27.23
CA PRO B 348 16.61 7.31 26.37
C PRO B 348 17.70 7.76 25.41
N ASP B 349 18.89 7.99 25.95
CA ASP B 349 20.04 8.42 25.15
C ASP B 349 21.28 7.64 25.56
N PRO B 350 21.79 6.77 24.67
CA PRO B 350 21.27 6.50 23.33
C PRO B 350 19.89 5.84 23.33
N ILE B 351 19.23 5.87 22.17
CA ILE B 351 17.88 5.32 22.03
C ILE B 351 17.79 3.82 22.26
N ASP B 352 18.91 3.11 22.18
CA ASP B 352 18.90 1.67 22.38
C ASP B 352 19.20 1.27 23.83
N ARG B 353 19.21 2.25 24.72
CA ARG B 353 19.48 1.99 26.12
C ARG B 353 18.19 1.66 26.89
N CYS B 354 18.30 0.70 27.79
CA CYS B 354 17.15 0.30 28.62
C CYS B 354 17.51 0.48 30.08
N PHE B 355 16.50 0.58 30.94
CA PHE B 355 16.74 0.79 32.37
C PHE B 355 15.98 -0.20 33.23
N THR B 356 16.55 -0.51 34.39
CA THR B 356 15.93 -1.42 35.33
C THR B 356 15.74 -0.70 36.66
N ASP B 357 14.52 -0.77 37.18
CA ASP B 357 14.18 -0.17 38.46
C ASP B 357 13.43 -1.25 39.24
N GLY B 358 14.17 -1.98 40.07
CA GLY B 358 13.55 -3.04 40.83
C GLY B 358 13.09 -4.11 39.86
N ASN B 359 11.78 -4.37 39.85
CA ASN B 359 11.20 -5.40 38.99
C ASN B 359 10.78 -4.86 37.62
N LEU B 360 11.01 -3.57 37.37
CA LEU B 360 10.59 -2.96 36.12
C LEU B 360 11.72 -2.67 35.12
N VAL B 361 11.59 -3.22 33.92
CA VAL B 361 12.58 -3.00 32.87
C VAL B 361 11.88 -2.21 31.77
N THR B 362 12.45 -1.07 31.37
CA THR B 362 11.83 -0.29 30.31
C THR B 362 12.78 0.09 29.20
N GLY B 363 12.25 0.08 27.97
CA GLY B 363 13.00 0.45 26.80
C GLY B 363 12.25 1.58 26.11
N ALA B 364 12.89 2.24 25.14
CA ALA B 364 12.25 3.35 24.46
C ALA B 364 11.77 3.11 23.02
N ALA B 365 12.45 2.21 22.32
CA ALA B 365 12.13 1.92 20.92
C ALA B 365 12.76 0.59 20.52
N TRP B 366 12.38 0.04 19.36
CA TRP B 366 12.93 -1.24 18.97
C TRP B 366 14.45 -1.38 18.91
N PRO B 367 15.18 -0.28 18.72
CA PRO B 367 16.63 -0.48 18.68
C PRO B 367 17.15 -0.98 20.04
N GLY B 368 16.35 -0.80 21.09
CA GLY B 368 16.75 -1.20 22.42
C GLY B 368 16.48 -2.64 22.85
N HIS B 369 16.05 -3.50 21.92
CA HIS B 369 15.76 -4.89 22.27
C HIS B 369 16.92 -5.66 22.92
N PRO B 370 18.16 -5.45 22.46
CA PRO B 370 19.27 -6.18 23.08
C PRO B 370 19.33 -5.97 24.58
N GLU B 371 19.33 -4.72 25.02
CA GLU B 371 19.38 -4.41 26.45
C GLU B 371 18.07 -4.74 27.14
N PHE B 372 16.97 -4.62 26.39
CA PHE B 372 15.63 -4.90 26.90
C PHE B 372 15.56 -6.36 27.33
N VAL B 373 15.92 -7.25 26.42
CA VAL B 373 15.90 -8.68 26.70
C VAL B 373 16.96 -9.06 27.72
N SER B 374 18.15 -8.47 27.59
CA SER B 374 19.26 -8.76 28.49
C SER B 374 18.92 -8.40 29.94
N GLN B 375 18.28 -7.24 30.14
CA GLN B 375 17.94 -6.83 31.49
C GLN B 375 16.78 -7.65 32.06
N LEU B 376 15.91 -8.16 31.18
CA LEU B 376 14.80 -8.99 31.64
C LEU B 376 15.38 -10.33 32.03
N MET B 377 16.39 -10.78 31.28
CA MET B 377 17.05 -12.05 31.56
C MET B 377 17.68 -12.00 32.94
N ALA B 378 18.25 -10.83 33.27
CA ALA B 378 18.89 -10.66 34.58
C ALA B 378 17.87 -10.82 35.71
N LEU B 379 16.73 -10.16 35.59
CA LEU B 379 15.70 -10.27 36.62
C LEU B 379 15.18 -11.70 36.73
N LEU B 380 15.13 -12.39 35.59
CA LEU B 380 14.64 -13.77 35.56
C LEU B 380 15.68 -14.80 35.97
N GLY B 381 16.94 -14.39 36.01
CA GLY B 381 18.00 -15.31 36.39
C GLY B 381 18.40 -16.24 35.27
N ILE B 382 18.33 -15.74 34.03
CA ILE B 382 18.71 -16.54 32.86
C ILE B 382 20.06 -16.07 32.34
N GLN B 383 21.01 -16.99 32.23
CA GLN B 383 22.34 -16.65 31.76
C GLN B 383 22.76 -17.46 30.54
N VAL B 384 23.65 -16.86 29.75
CA VAL B 384 24.21 -17.49 28.55
C VAL B 384 25.72 -17.33 28.67
N SER B 385 26.43 -18.44 28.86
CA SER B 385 27.87 -18.39 29.01
C SER B 385 28.58 -19.19 27.93
N PHE B 386 29.80 -18.78 27.61
CA PHE B 386 30.61 -19.44 26.59
C PHE B 386 31.93 -19.94 27.16
N HIS B 387 32.27 -21.18 26.86
CA HIS B 387 33.53 -21.76 27.34
C HIS B 387 34.70 -20.95 26.82
N ASN C 1 -12.16 37.13 7.18
CA ASN C 1 -12.47 38.58 7.07
C ASN C 1 -12.31 39.30 8.41
N SER C 2 -13.29 39.16 9.29
CA SER C 2 -13.23 39.81 10.59
C SER C 2 -12.68 38.90 11.69
N ARG C 3 -12.31 37.68 11.33
CA ARG C 3 -11.75 36.74 12.29
C ARG C 3 -10.58 35.98 11.67
N THR C 4 -9.59 35.65 12.49
CA THR C 4 -8.41 34.92 12.01
C THR C 4 -8.11 33.78 12.99
N VAL C 5 -8.02 32.57 12.46
CA VAL C 5 -7.76 31.40 13.27
C VAL C 5 -6.46 30.71 12.88
N LEU C 6 -5.78 30.13 13.87
CA LEU C 6 -4.53 29.43 13.64
C LEU C 6 -4.75 27.93 13.86
N ILE C 7 -4.22 27.10 12.96
CA ILE C 7 -4.34 25.65 13.11
C ILE C 7 -2.94 25.12 13.37
N LEU C 8 -2.80 24.40 14.48
CA LEU C 8 -1.53 23.80 14.89
C LEU C 8 -1.36 22.46 14.20
N CYS C 9 -0.58 22.44 13.12
CA CYS C 9 -0.34 21.23 12.34
C CYS C 9 0.95 20.50 12.67
N GLY C 10 1.03 19.26 12.19
CA GLY C 10 2.21 18.44 12.41
C GLY C 10 2.20 17.26 11.45
N ASP C 11 3.32 16.58 11.31
CA ASP C 11 3.38 15.44 10.42
C ASP C 11 2.52 14.30 10.97
N TYR C 12 1.72 13.73 10.08
CA TYR C 12 0.81 12.65 10.41
C TYR C 12 -0.38 13.06 11.26
N MET C 13 -0.76 14.34 11.15
CA MET C 13 -1.94 14.81 11.85
C MET C 13 -3.05 14.10 11.03
N GLU C 14 -4.24 13.92 11.61
CA GLU C 14 -5.31 13.24 10.89
C GLU C 14 -5.81 14.12 9.75
N ASP C 15 -5.80 13.58 8.53
CA ASP C 15 -6.20 14.32 7.34
C ASP C 15 -7.53 15.07 7.43
N TYR C 16 -8.59 14.40 7.87
CA TYR C 16 -9.89 15.08 7.99
C TYR C 16 -9.84 16.19 9.04
N GLU C 17 -9.16 15.90 10.15
CA GLU C 17 -9.10 16.83 11.26
C GLU C 17 -8.37 18.15 11.00
N VAL C 18 -7.62 18.21 9.91
CA VAL C 18 -6.97 19.48 9.57
C VAL C 18 -7.74 20.12 8.41
N MET C 19 -8.07 19.33 7.40
CA MET C 19 -8.73 19.87 6.22
C MET C 19 -10.18 20.34 6.41
N VAL C 20 -10.98 19.61 7.17
CA VAL C 20 -12.37 20.02 7.35
C VAL C 20 -12.45 21.39 8.04
N PRO C 21 -11.79 21.56 9.21
CA PRO C 21 -11.87 22.89 9.83
C PRO C 21 -11.18 23.96 8.99
N PHE C 22 -10.10 23.59 8.32
CA PHE C 22 -9.37 24.55 7.48
C PHE C 22 -10.26 25.13 6.39
N GLN C 23 -10.99 24.28 5.68
CA GLN C 23 -11.85 24.76 4.61
C GLN C 23 -13.22 25.24 5.08
N ALA C 24 -13.78 24.58 6.08
CA ALA C 24 -15.09 24.98 6.59
C ALA C 24 -15.01 26.40 7.16
N LEU C 25 -14.03 26.62 8.03
CA LEU C 25 -13.88 27.93 8.64
C LEU C 25 -13.69 29.01 7.58
N GLN C 26 -12.88 28.71 6.57
CA GLN C 26 -12.67 29.67 5.49
C GLN C 26 -13.99 29.93 4.76
N ALA C 27 -14.76 28.87 4.53
CA ALA C 27 -16.03 29.02 3.84
C ALA C 27 -16.95 29.95 4.61
N PHE C 28 -16.77 29.98 5.94
CA PHE C 28 -17.60 30.82 6.79
C PHE C 28 -17.09 32.24 6.96
N GLY C 29 -16.06 32.59 6.20
CA GLY C 29 -15.52 33.93 6.26
C GLY C 29 -14.40 34.16 7.26
N ILE C 30 -13.77 33.08 7.71
CA ILE C 30 -12.69 33.19 8.67
C ILE C 30 -11.35 32.98 7.96
N THR C 31 -10.38 33.84 8.26
CA THR C 31 -9.05 33.71 7.67
C THR C 31 -8.34 32.65 8.51
N VAL C 32 -7.81 31.63 7.85
CA VAL C 32 -7.13 30.55 8.57
C VAL C 32 -5.68 30.36 8.15
N HIS C 33 -4.80 30.30 9.15
CA HIS C 33 -3.37 30.09 8.92
C HIS C 33 -2.98 28.74 9.50
N THR C 34 -2.10 28.03 8.80
CA THR C 34 -1.64 26.72 9.24
C THR C 34 -0.13 26.73 9.41
N VAL C 35 0.33 26.23 10.56
CA VAL C 35 1.76 26.20 10.87
C VAL C 35 2.20 24.88 11.48
N CYS C 36 3.48 24.58 11.32
CA CYS C 36 4.07 23.36 11.88
C CYS C 36 5.47 23.75 12.34
N PRO C 37 5.83 23.41 13.59
CA PRO C 37 7.17 23.76 14.07
C PRO C 37 8.26 23.26 13.13
N GLY C 38 9.26 24.11 12.90
CA GLY C 38 10.36 23.73 12.03
C GLY C 38 10.07 23.80 10.54
N LYS C 39 8.87 24.24 10.18
CA LYS C 39 8.51 24.36 8.77
C LYS C 39 8.02 25.76 8.43
N LYS C 40 8.10 26.12 7.16
CA LYS C 40 7.68 27.43 6.70
C LYS C 40 6.51 27.34 5.74
N ALA C 41 5.88 28.48 5.47
CA ALA C 41 4.76 28.52 4.56
C ALA C 41 5.21 27.94 3.23
N GLY C 42 4.37 27.09 2.65
CA GLY C 42 4.71 26.46 1.40
C GLY C 42 5.18 25.03 1.61
N ASP C 43 5.68 24.73 2.80
CA ASP C 43 6.14 23.37 3.10
C ASP C 43 4.94 22.46 3.28
N SER C 44 5.17 21.15 3.16
CA SER C 44 4.09 20.19 3.29
C SER C 44 4.27 19.24 4.47
N CYS C 45 3.14 18.70 4.93
CA CYS C 45 3.11 17.76 6.04
C CYS C 45 2.36 16.51 5.59
N PRO C 46 2.92 15.32 5.85
CA PRO C 46 2.17 14.14 5.42
C PRO C 46 1.01 14.05 6.40
N THR C 47 -0.08 13.41 6.00
CA THR C 47 -1.21 13.26 6.92
C THR C 47 -1.54 11.79 7.06
N ALA C 48 -2.31 11.45 8.10
CA ALA C 48 -2.71 10.08 8.35
C ALA C 48 -4.21 9.92 8.15
N VAL C 49 -4.60 8.78 7.60
CA VAL C 49 -6.01 8.46 7.41
C VAL C 49 -6.28 7.45 8.52
N HIS C 50 -7.11 7.83 9.49
CA HIS C 50 -7.46 6.93 10.58
C HIS C 50 -8.89 6.50 10.39
N ASP C 51 -9.06 5.27 9.94
CA ASP C 51 -10.37 4.71 9.66
C ASP C 51 -10.78 3.67 10.69
N PHE C 52 -12.06 3.62 10.98
CA PHE C 52 -12.61 2.67 11.94
C PHE C 52 -13.30 1.54 11.20
N CYS C 53 -12.48 0.65 10.64
CA CYS C 53 -12.98 -0.48 9.87
C CYS C 53 -13.65 -1.54 10.74
N GLY C 54 -12.85 -2.38 11.39
CA GLY C 54 -13.43 -3.41 12.23
C GLY C 54 -12.47 -4.01 13.24
N HIS C 55 -11.32 -3.37 13.44
CA HIS C 55 -10.34 -3.87 14.39
C HIS C 55 -10.57 -3.26 15.77
N GLN C 56 -9.79 -3.71 16.75
CA GLN C 56 -9.94 -3.21 18.12
C GLN C 56 -9.57 -1.74 18.22
N THR C 57 -8.94 -1.22 17.17
CA THR C 57 -8.55 0.18 17.12
C THR C 57 -8.48 0.59 15.65
N TYR C 58 -8.25 1.87 15.38
CA TYR C 58 -8.20 2.36 14.00
C TYR C 58 -7.01 1.86 13.18
N PHE C 59 -7.20 1.85 11.87
CA PHE C 59 -6.17 1.45 10.92
C PHE C 59 -5.61 2.74 10.36
N GLU C 60 -4.35 2.73 9.93
CA GLU C 60 -3.76 3.94 9.35
C GLU C 60 -3.09 3.74 8.00
N SER C 61 -3.29 4.71 7.12
CA SER C 61 -2.67 4.73 5.80
C SER C 61 -2.38 6.21 5.57
N ARG C 62 -1.66 6.56 4.51
CA ARG C 62 -1.35 7.96 4.27
C ARG C 62 -2.46 8.72 3.56
N GLY C 63 -2.66 9.97 3.95
CA GLY C 63 -3.68 10.80 3.32
C GLY C 63 -3.05 11.79 2.37
N HIS C 64 -3.75 12.89 2.09
CA HIS C 64 -3.22 13.90 1.18
C HIS C 64 -2.08 14.62 1.88
N ASN C 65 -1.08 15.05 1.13
CA ASN C 65 -0.02 15.83 1.75
C ASN C 65 -0.68 17.18 1.96
N PHE C 66 -0.44 17.80 3.11
CA PHE C 66 -1.04 19.09 3.43
C PHE C 66 -0.03 20.23 3.31
N THR C 67 -0.36 21.24 2.52
CA THR C 67 0.51 22.38 2.32
C THR C 67 0.21 23.51 3.30
N LEU C 68 1.23 23.88 4.09
CA LEU C 68 1.09 24.94 5.08
C LEU C 68 1.08 26.30 4.39
N ASN C 69 0.36 27.26 4.96
CA ASN C 69 0.31 28.60 4.39
C ASN C 69 0.90 29.67 5.30
N ALA C 70 1.50 29.24 6.41
CA ALA C 70 2.11 30.17 7.35
C ALA C 70 3.37 29.58 7.97
N THR C 71 4.20 30.45 8.55
CA THR C 71 5.45 30.04 9.15
C THR C 71 5.40 30.10 10.67
N PHE C 72 5.50 28.93 11.30
CA PHE C 72 5.45 28.79 12.75
C PHE C 72 6.32 29.79 13.51
N ASP C 73 7.58 29.88 13.11
CA ASP C 73 8.56 30.76 13.74
C ASP C 73 8.22 32.25 13.63
N GLU C 74 7.30 32.59 12.74
CA GLU C 74 6.91 33.98 12.54
C GLU C 74 5.50 34.30 13.04
N VAL C 75 4.93 33.39 13.81
CA VAL C 75 3.58 33.56 14.34
C VAL C 75 3.45 34.66 15.39
N ASP C 76 2.44 35.50 15.22
CA ASP C 76 2.15 36.58 16.15
C ASP C 76 0.76 36.30 16.72
N LEU C 77 0.70 35.60 17.84
CA LEU C 77 -0.57 35.24 18.48
C LEU C 77 -1.57 36.36 18.67
N SER C 78 -1.10 37.58 18.82
CA SER C 78 -2.00 38.72 19.01
C SER C 78 -2.90 38.91 17.80
N LYS C 79 -2.52 38.31 16.67
CA LYS C 79 -3.29 38.44 15.44
C LYS C 79 -4.33 37.34 15.27
N TYR C 80 -4.35 36.38 16.18
CA TYR C 80 -5.30 35.27 16.08
C TYR C 80 -6.41 35.33 17.12
N ASP C 81 -7.62 35.02 16.67
CA ASP C 81 -8.80 35.03 17.53
C ASP C 81 -9.10 33.65 18.11
N GLY C 82 -8.60 32.61 17.46
CA GLY C 82 -8.85 31.26 17.93
C GLY C 82 -7.79 30.28 17.47
N LEU C 83 -7.74 29.12 18.12
CA LEU C 83 -6.76 28.08 17.80
C LEU C 83 -7.47 26.74 17.62
N VAL C 84 -7.03 25.98 16.62
CA VAL C 84 -7.58 24.65 16.36
C VAL C 84 -6.44 23.65 16.44
N ILE C 85 -6.65 22.55 17.16
CA ILE C 85 -5.61 21.53 17.29
C ILE C 85 -6.12 20.19 16.75
N PRO C 86 -5.72 19.84 15.51
CA PRO C 86 -6.14 18.59 14.89
C PRO C 86 -5.56 17.39 15.64
N GLY C 87 -6.15 16.22 15.42
CA GLY C 87 -5.68 15.02 16.06
C GLY C 87 -4.70 14.30 15.15
N GLY C 88 -4.66 12.97 15.26
CA GLY C 88 -3.73 12.18 14.46
C GLY C 88 -2.53 11.82 15.31
N ARG C 89 -1.40 11.53 14.66
CA ARG C 89 -0.18 11.19 15.40
C ARG C 89 0.77 12.36 15.58
N ALA C 90 0.37 13.53 15.11
CA ALA C 90 1.20 14.71 15.26
C ALA C 90 1.22 15.20 16.72
N PRO C 91 0.06 15.22 17.39
CA PRO C 91 0.03 15.69 18.78
C PRO C 91 1.05 15.06 19.74
N GLU C 92 1.27 13.76 19.66
CA GLU C 92 2.20 13.14 20.59
C GLU C 92 3.60 13.72 20.50
N TYR C 93 4.04 14.09 19.30
CA TYR C 93 5.39 14.66 19.18
C TYR C 93 5.36 16.18 19.31
N LEU C 94 4.25 16.79 18.93
CA LEU C 94 4.10 18.24 19.06
C LEU C 94 4.06 18.60 20.55
N ALA C 95 3.46 17.72 21.34
CA ALA C 95 3.34 17.92 22.79
C ALA C 95 4.68 17.97 23.49
N LEU C 96 5.72 17.41 22.84
CA LEU C 96 7.06 17.39 23.41
C LEU C 96 7.94 18.47 22.79
N THR C 97 7.34 19.35 22.00
CA THR C 97 8.07 20.43 21.36
C THR C 97 7.85 21.69 22.19
N ALA C 98 8.93 22.17 22.80
CA ALA C 98 8.90 23.35 23.67
C ALA C 98 8.12 24.54 23.11
N SER C 99 8.44 24.94 21.89
CA SER C 99 7.78 26.08 21.26
C SER C 99 6.27 25.88 21.10
N VAL C 100 5.86 24.62 20.93
CA VAL C 100 4.44 24.33 20.78
C VAL C 100 3.69 24.46 22.10
N VAL C 101 4.22 23.87 23.17
CA VAL C 101 3.56 23.97 24.46
C VAL C 101 3.50 25.44 24.87
N GLU C 102 4.55 26.19 24.53
CA GLU C 102 4.60 27.62 24.84
C GLU C 102 3.46 28.34 24.14
N LEU C 103 3.29 28.05 22.85
CA LEU C 103 2.25 28.68 22.06
C LEU C 103 0.87 28.40 22.63
N VAL C 104 0.59 27.14 22.95
CA VAL C 104 -0.72 26.78 23.49
C VAL C 104 -0.96 27.44 24.86
N LYS C 105 0.06 27.46 25.71
CA LYS C 105 -0.08 28.07 27.02
C LYS C 105 -0.42 29.55 26.87
N GLU C 106 0.30 30.23 25.97
CA GLU C 106 0.07 31.64 25.75
C GLU C 106 -1.37 31.89 25.27
N PHE C 107 -1.85 31.04 24.38
CA PHE C 107 -3.19 31.18 23.85
C PHE C 107 -4.25 30.89 24.91
N SER C 108 -4.03 29.82 25.68
CA SER C 108 -4.96 29.44 26.73
C SER C 108 -5.04 30.55 27.78
N ARG C 109 -3.90 31.18 28.04
CA ARG C 109 -3.78 32.25 29.01
C ARG C 109 -4.63 33.47 28.63
N SER C 110 -4.79 33.69 27.31
CA SER C 110 -5.55 34.84 26.83
C SER C 110 -7.06 34.66 26.92
N GLY C 111 -7.51 33.41 27.07
CA GLY C 111 -8.94 33.17 27.16
C GLY C 111 -9.58 33.03 25.79
N LYS C 112 -8.76 33.09 24.74
CA LYS C 112 -9.26 32.95 23.38
C LYS C 112 -9.70 31.50 23.16
N PRO C 113 -10.70 31.30 22.30
CA PRO C 113 -11.20 29.95 22.02
C PRO C 113 -10.15 28.98 21.47
N ILE C 114 -10.17 27.76 22.00
CA ILE C 114 -9.29 26.69 21.56
C ILE C 114 -10.17 25.49 21.26
N ALA C 115 -10.12 24.99 20.03
CA ALA C 115 -10.90 23.83 19.65
C ALA C 115 -9.89 22.69 19.42
N SER C 116 -9.92 21.70 20.30
CA SER C 116 -8.99 20.57 20.20
C SER C 116 -9.76 19.27 19.97
N ILE C 117 -9.26 18.46 19.04
CA ILE C 117 -9.96 17.23 18.73
C ILE C 117 -9.15 15.94 18.77
N HIS C 119 -6.80 13.27 19.39
CA HIS C 119 -5.52 13.20 20.11
C HIS C 119 -4.89 14.57 20.33
N GLY C 120 -5.49 15.61 19.75
CA GLY C 120 -4.95 16.94 19.90
C GLY C 120 -4.79 17.36 21.36
N GLN C 121 -5.69 16.86 22.21
CA GLN C 121 -5.68 17.18 23.64
C GLN C 121 -4.40 16.78 24.38
N LEU C 122 -3.59 15.91 23.79
CA LEU C 122 -2.34 15.51 24.43
C LEU C 122 -1.49 16.75 24.62
N ILE C 123 -1.58 17.68 23.68
CA ILE C 123 -0.82 18.92 23.76
C ILE C 123 -1.32 19.80 24.91
N LEU C 124 -2.63 19.80 25.13
CA LEU C 124 -3.19 20.59 26.22
C LEU C 124 -2.73 20.02 27.56
N ALA C 125 -2.62 18.69 27.62
CA ALA C 125 -2.16 18.03 28.84
C ALA C 125 -0.71 18.43 29.09
N ALA C 126 0.10 18.43 28.04
CA ALA C 126 1.51 18.80 28.17
C ALA C 126 1.67 20.27 28.56
N ALA C 127 0.75 21.11 28.09
CA ALA C 127 0.80 22.54 28.40
C ALA C 127 0.22 22.81 29.79
N ASP C 128 -0.31 21.77 30.41
CA ASP C 128 -0.93 21.85 31.74
C ASP C 128 -2.02 22.92 31.75
N THR C 129 -2.92 22.85 30.78
CA THR C 129 -4.00 23.81 30.67
C THR C 129 -5.39 23.19 30.80
N VAL C 130 -5.47 22.00 31.39
CA VAL C 130 -6.76 21.32 31.54
C VAL C 130 -7.15 21.06 32.99
N ASN C 131 -6.29 21.51 33.92
CA ASN C 131 -6.55 21.29 35.33
C ASN C 131 -7.92 21.85 35.73
N GLY C 132 -8.81 20.97 36.19
CA GLY C 132 -10.14 21.39 36.60
C GLY C 132 -11.08 21.76 35.45
N ARG C 133 -10.66 21.49 34.23
CA ARG C 133 -11.47 21.79 33.05
C ARG C 133 -12.24 20.58 32.54
N LYS C 134 -13.51 20.77 32.20
CA LYS C 134 -14.30 19.66 31.66
C LYS C 134 -13.88 19.51 30.21
N CYS C 135 -13.62 18.27 29.79
CA CYS C 135 -13.22 18.03 28.41
C CYS C 135 -13.29 16.56 28.06
N THR C 136 -13.39 16.29 26.77
CA THR C 136 -13.41 14.93 26.27
C THR C 136 -12.25 14.87 25.27
N ALA C 137 -12.05 13.72 24.65
CA ALA C 137 -10.98 13.54 23.68
C ALA C 137 -11.09 12.11 23.19
N TYR C 138 -10.17 11.69 22.33
CA TYR C 138 -10.23 10.31 21.89
C TYR C 138 -10.10 9.54 23.21
N ALA C 139 -10.86 8.46 23.35
CA ALA C 139 -10.86 7.68 24.59
C ALA C 139 -9.49 7.35 25.18
N THR C 140 -8.52 7.03 24.32
CA THR C 140 -7.18 6.66 24.78
C THR C 140 -6.42 7.81 25.44
N VAL C 141 -6.93 9.03 25.27
CA VAL C 141 -6.30 10.21 25.83
C VAL C 141 -6.80 10.49 27.25
N GLY C 142 -7.90 9.82 27.61
CA GLY C 142 -8.48 10.00 28.94
C GLY C 142 -7.52 9.92 30.11
N PRO C 143 -6.74 8.84 30.22
CA PRO C 143 -5.79 8.72 31.33
C PRO C 143 -4.85 9.90 31.50
N SER C 144 -4.27 10.38 30.40
CA SER C 144 -3.36 11.52 30.48
C SER C 144 -4.08 12.79 30.93
N LEU C 145 -5.29 12.99 30.44
CA LEU C 145 -6.05 14.19 30.83
C LEU C 145 -6.44 14.12 32.30
N VAL C 146 -6.82 12.94 32.76
CA VAL C 146 -7.19 12.76 34.15
C VAL C 146 -5.96 13.05 35.01
N ALA C 147 -4.81 12.53 34.56
CA ALA C 147 -3.56 12.73 35.28
C ALA C 147 -3.20 14.22 35.35
N ALA C 148 -3.63 14.97 34.35
CA ALA C 148 -3.35 16.40 34.28
C ALA C 148 -4.39 17.23 35.03
N GLY C 149 -5.26 16.56 35.78
CA GLY C 149 -6.27 17.26 36.57
C GLY C 149 -7.58 17.60 35.89
N ALA C 150 -7.78 17.10 34.68
CA ALA C 150 -9.00 17.38 33.93
C ALA C 150 -10.23 16.67 34.48
N LYS C 151 -11.40 17.27 34.25
CA LYS C 151 -12.65 16.67 34.64
C LYS C 151 -13.02 15.93 33.37
N TRP C 152 -12.48 14.73 33.24
CA TRP C 152 -12.66 13.88 32.08
C TRP C 152 -14.09 13.47 31.80
N VAL C 153 -14.43 13.51 30.51
CA VAL C 153 -15.76 13.13 30.05
C VAL C 153 -15.57 12.04 29.00
N GLU C 154 -15.69 10.79 29.43
CA GLU C 154 -15.54 9.65 28.53
C GLU C 154 -16.49 9.83 27.36
N PRO C 155 -15.99 9.72 26.12
CA PRO C 155 -16.87 9.89 24.96
C PRO C 155 -17.73 8.64 24.78
N ILE C 156 -19.01 8.73 25.13
CA ILE C 156 -19.92 7.59 25.01
C ILE C 156 -20.16 7.25 23.54
N THR C 157 -20.20 8.28 22.70
CA THR C 157 -20.38 8.11 21.27
C THR C 157 -19.26 8.90 20.59
N PRO C 158 -18.88 8.51 19.36
CA PRO C 158 -17.83 9.20 18.61
C PRO C 158 -18.03 10.68 18.32
N ASP C 159 -19.29 11.11 18.29
CA ASP C 159 -19.58 12.51 17.97
C ASP C 159 -19.68 13.44 19.18
N VAL C 160 -19.35 12.94 20.37
CA VAL C 160 -19.42 13.76 21.57
C VAL C 160 -18.50 14.97 21.57
N CYS C 161 -19.05 16.11 21.99
CA CYS C 161 -18.30 17.37 22.11
C CYS C 161 -18.56 17.91 23.51
N VAL C 162 -17.55 18.54 24.10
CA VAL C 162 -17.67 19.11 25.43
C VAL C 162 -17.15 20.53 25.41
N VAL C 163 -17.69 21.37 26.29
CA VAL C 163 -17.26 22.76 26.36
C VAL C 163 -17.01 23.19 27.80
N ASP C 164 -15.96 23.99 27.99
CA ASP C 164 -15.62 24.52 29.30
C ASP C 164 -15.12 25.91 28.99
N GLY C 165 -15.95 26.91 29.23
CA GLY C 165 -15.56 28.27 28.93
C GLY C 165 -15.36 28.35 27.42
N SER C 166 -14.16 28.74 27.00
CA SER C 166 -13.85 28.85 25.59
C SER C 166 -13.12 27.62 25.06
N LEU C 167 -12.95 26.60 25.91
CA LEU C 167 -12.27 25.38 25.50
C LEU C 167 -13.27 24.37 24.97
N ILE C 168 -13.16 24.10 23.66
CA ILE C 168 -14.06 23.17 22.98
C ILE C 168 -13.31 21.89 22.62
N THR C 169 -13.82 20.74 23.04
CA THR C 169 -13.16 19.48 22.74
C THR C 169 -14.07 18.44 22.10
N ALA C 170 -13.49 17.62 21.22
CA ALA C 170 -14.23 16.56 20.55
C ALA C 170 -13.39 15.27 20.60
N ALA C 171 -14.04 14.15 20.36
CA ALA C 171 -13.37 12.85 20.42
C ALA C 171 -12.85 12.32 19.08
N THR C 172 -13.61 12.53 18.01
CA THR C 172 -13.23 12.06 16.68
C THR C 172 -13.78 12.99 15.61
N TYR C 173 -13.37 12.79 14.36
CA TYR C 173 -13.86 13.63 13.28
C TYR C 173 -15.37 13.50 13.08
N GLU C 174 -15.98 12.51 13.71
CA GLU C 174 -17.43 12.35 13.58
C GLU C 174 -18.15 13.46 14.34
N GLY C 175 -17.42 14.17 15.19
CA GLY C 175 -18.01 15.26 15.95
C GLY C 175 -17.72 16.61 15.31
N HIS C 176 -17.14 16.61 14.11
CA HIS C 176 -16.81 17.86 13.44
C HIS C 176 -17.96 18.88 13.35
N PRO C 177 -19.19 18.44 13.01
CA PRO C 177 -20.30 19.38 12.92
C PRO C 177 -20.48 20.28 14.14
N GLU C 178 -20.73 19.67 15.29
CA GLU C 178 -20.94 20.42 16.52
C GLU C 178 -19.64 21.08 16.99
N PHE C 179 -18.52 20.40 16.74
CA PHE C 179 -17.19 20.89 17.10
C PHE C 179 -16.97 22.24 16.45
N ILE C 180 -17.13 22.28 15.14
CA ILE C 180 -16.94 23.50 14.37
C ILE C 180 -17.99 24.55 14.71
N GLN C 181 -19.24 24.13 14.89
CA GLN C 181 -20.30 25.08 15.21
C GLN C 181 -20.01 25.80 16.54
N LEU C 182 -19.60 25.03 17.54
CA LEU C 182 -19.28 25.59 18.85
C LEU C 182 -18.11 26.57 18.77
N PHE C 183 -17.14 26.25 17.92
CA PHE C 183 -15.97 27.10 17.75
C PHE C 183 -16.38 28.41 17.10
N VAL C 184 -17.22 28.31 16.07
CA VAL C 184 -17.70 29.50 15.37
C VAL C 184 -18.45 30.39 16.36
N LYS C 185 -19.30 29.78 17.17
CA LYS C 185 -20.06 30.53 18.17
C LYS C 185 -19.14 31.17 19.19
N ALA C 186 -18.09 30.44 19.55
CA ALA C 186 -17.11 30.93 20.51
C ALA C 186 -16.40 32.17 19.95
N LEU C 187 -16.24 32.21 18.64
CA LEU C 187 -15.59 33.33 17.96
C LEU C 187 -16.55 34.51 17.79
N GLY C 188 -17.77 34.37 18.32
CA GLY C 188 -18.75 35.43 18.21
C GLY C 188 -19.63 35.31 16.98
N GLY C 189 -19.60 34.15 16.34
CA GLY C 189 -20.40 33.95 15.15
C GLY C 189 -21.85 33.59 15.38
N LYS C 190 -22.72 34.15 14.55
CA LYS C 190 -24.14 33.89 14.62
C LYS C 190 -24.53 33.30 13.27
N ILE C 191 -25.17 32.13 13.29
CA ILE C 191 -25.57 31.45 12.07
C ILE C 191 -27.07 31.63 11.83
N THR C 192 -27.43 32.02 10.62
CA THR C 192 -28.83 32.21 10.25
C THR C 192 -29.18 31.55 8.94
N GLY C 193 -30.45 31.18 8.79
CA GLY C 193 -30.93 30.56 7.57
C GLY C 193 -30.41 29.17 7.29
N ALA C 194 -29.97 28.47 8.34
CA ALA C 194 -29.41 27.12 8.19
C ALA C 194 -30.44 26.00 8.25
N ASN C 195 -31.73 26.35 8.31
CA ASN C 195 -32.77 25.33 8.35
C ASN C 195 -33.00 24.83 6.93
N LYS C 196 -32.08 24.02 6.44
CA LYS C 196 -32.16 23.47 5.08
C LYS C 196 -31.84 21.98 5.05
N ARG C 197 -32.37 21.30 4.04
CA ARG C 197 -32.13 19.87 3.86
C ARG C 197 -31.30 19.72 2.59
N ILE C 198 -30.16 19.05 2.71
CA ILE C 198 -29.26 18.87 1.57
C ILE C 198 -29.04 17.40 1.26
N LEU C 199 -29.07 17.05 -0.03
CA LEU C 199 -28.86 15.68 -0.48
C LEU C 199 -27.52 15.55 -1.21
N PHE C 200 -26.75 14.53 -0.83
CA PHE C 200 -25.45 14.27 -1.45
C PHE C 200 -25.51 13.01 -2.29
N LEU C 201 -25.14 13.12 -3.56
CA LEU C 201 -25.13 11.95 -4.44
C LEU C 201 -23.75 11.33 -4.34
N CYS C 202 -23.66 10.24 -3.60
CA CYS C 202 -22.39 9.55 -3.38
C CYS C 202 -22.24 8.26 -4.17
N GLY C 203 -21.04 7.69 -4.11
CA GLY C 203 -20.75 6.46 -4.81
C GLY C 203 -19.36 5.96 -4.45
N ASP C 204 -19.04 4.73 -4.82
CA ASP C 204 -17.72 4.20 -4.52
C ASP C 204 -16.62 5.00 -5.18
N TYR C 205 -15.57 5.25 -4.39
CA TYR C 205 -14.41 5.97 -4.83
C TYR C 205 -14.58 7.46 -5.14
N MET C 206 -15.54 8.09 -4.49
CA MET C 206 -15.71 9.52 -4.67
C MET C 206 -14.47 10.05 -3.94
N GLU C 207 -14.05 11.29 -4.24
CA GLU C 207 -12.85 11.83 -3.59
C GLU C 207 -13.08 12.08 -2.09
N ASP C 208 -12.14 11.57 -1.30
CA ASP C 208 -12.11 11.65 0.16
C ASP C 208 -12.48 13.02 0.75
N TYR C 209 -11.81 14.07 0.32
CA TYR C 209 -12.11 15.41 0.82
C TYR C 209 -13.43 15.95 0.30
N GLU C 210 -13.68 15.73 -1.00
CA GLU C 210 -14.85 16.25 -1.67
C GLU C 210 -16.20 15.80 -1.15
N VAL C 211 -16.24 14.69 -0.43
CA VAL C 211 -17.50 14.26 0.16
C VAL C 211 -17.53 14.74 1.60
N LYS C 212 -16.47 14.47 2.35
CA LYS C 212 -16.43 14.82 3.77
C LYS C 212 -16.44 16.32 4.10
N VAL C 213 -15.63 17.10 3.41
CA VAL C 213 -15.58 18.53 3.70
C VAL C 213 -16.90 19.25 3.49
N PRO C 214 -17.48 19.17 2.28
CA PRO C 214 -18.75 19.88 2.10
C PRO C 214 -19.85 19.30 3.02
N PHE C 215 -19.85 17.98 3.15
CA PHE C 215 -20.85 17.31 3.98
C PHE C 215 -20.83 17.80 5.41
N GLN C 216 -19.66 17.79 6.04
CA GLN C 216 -19.55 18.24 7.41
C GLN C 216 -19.62 19.76 7.56
N SER C 217 -19.20 20.49 6.53
CA SER C 217 -19.27 21.95 6.60
C SER C 217 -20.73 22.37 6.69
N LEU C 218 -21.58 21.76 5.86
CA LEU C 218 -23.00 22.08 5.86
C LEU C 218 -23.68 21.63 7.15
N GLN C 219 -23.25 20.49 7.69
CA GLN C 219 -23.82 20.01 8.94
C GLN C 219 -23.43 20.94 10.09
N ALA C 220 -22.23 21.52 9.99
CA ALA C 220 -21.75 22.42 11.04
C ALA C 220 -22.61 23.68 11.15
N LEU C 221 -23.18 24.09 10.02
CA LEU C 221 -24.04 25.27 9.98
C LEU C 221 -25.39 24.95 10.62
N GLY C 222 -25.72 23.66 10.69
CA GLY C 222 -26.99 23.26 11.27
C GLY C 222 -27.94 22.60 10.29
N CYS C 223 -27.48 22.42 9.05
CA CYS C 223 -28.30 21.82 8.01
C CYS C 223 -28.45 20.31 8.20
N GLN C 224 -29.56 19.77 7.68
CA GLN C 224 -29.80 18.34 7.75
C GLN C 224 -29.21 17.86 6.43
N VAL C 225 -28.19 17.01 6.51
CA VAL C 225 -27.53 16.54 5.30
C VAL C 225 -27.58 15.02 5.16
N ASP C 226 -28.12 14.55 4.03
CA ASP C 226 -28.23 13.12 3.79
C ASP C 226 -27.32 12.69 2.65
N ALA C 227 -26.83 11.46 2.72
CA ALA C 227 -25.95 10.91 1.70
C ALA C 227 -26.54 9.60 1.19
N VAL C 228 -26.65 9.48 -0.13
CA VAL C 228 -27.20 8.26 -0.73
C VAL C 228 -26.35 7.75 -1.88
N CYS C 229 -26.51 6.47 -2.18
CA CYS C 229 -25.80 5.80 -3.26
C CYS C 229 -26.68 4.67 -3.75
N PRO C 230 -26.80 4.50 -5.08
CA PRO C 230 -27.63 3.43 -5.62
C PRO C 230 -27.19 2.06 -5.10
N GLU C 231 -28.14 1.14 -4.97
CA GLU C 231 -27.86 -0.21 -4.49
C GLU C 231 -27.39 -0.29 -3.05
N LYS C 232 -27.22 0.86 -2.40
CA LYS C 232 -26.79 0.86 -1.01
C LYS C 232 -27.79 1.58 -0.11
N LYS C 233 -27.81 1.19 1.16
CA LYS C 233 -28.75 1.77 2.13
C LYS C 233 -28.02 2.44 3.27
N ALA C 234 -28.77 3.11 4.14
CA ALA C 234 -28.19 3.78 5.29
C ALA C 234 -27.36 2.78 6.08
N GLY C 235 -26.19 3.22 6.55
CA GLY C 235 -25.33 2.33 7.31
C GLY C 235 -24.23 1.74 6.46
N ASP C 236 -24.52 1.47 5.20
CA ASP C 236 -23.52 0.93 4.30
C ASP C 236 -22.40 1.93 4.13
N ARG C 237 -21.23 1.47 3.73
CA ARG C 237 -20.10 2.36 3.54
C ARG C 237 -19.59 2.33 2.11
N CYS C 238 -19.05 3.47 1.68
CA CYS C 238 -18.48 3.62 0.35
C CYS C 238 -16.99 3.90 0.53
N PRO C 239 -16.14 3.18 -0.21
CA PRO C 239 -14.71 3.44 -0.06
C PRO C 239 -14.45 4.76 -0.79
N THR C 240 -13.42 5.49 -0.40
CA THR C 240 -13.15 6.75 -1.07
C THR C 240 -11.75 6.74 -1.67
N ALA C 241 -11.50 7.70 -2.55
CA ALA C 241 -10.20 7.81 -3.19
C ALA C 241 -9.54 9.12 -2.82
N ILE C 242 -8.25 9.04 -2.50
CA ILE C 242 -7.50 10.24 -2.18
C ILE C 242 -6.73 10.60 -3.45
N HIS C 243 -7.06 11.75 -4.02
CA HIS C 243 -6.39 12.21 -5.22
C HIS C 243 -5.46 13.33 -4.83
N ASP C 244 -4.18 13.16 -5.17
CA ASP C 244 -3.16 14.12 -4.82
C ASP C 244 -2.16 14.28 -5.96
N PHE C 245 -1.54 15.45 -6.05
CA PHE C 245 -0.54 15.68 -7.09
C PHE C 245 0.82 15.51 -6.45
N GLU C 246 1.56 14.51 -6.91
CA GLU C 246 2.87 14.21 -6.36
C GLU C 246 4.03 14.30 -7.35
N GLY C 247 3.88 15.15 -8.37
CA GLY C 247 4.97 15.30 -9.32
C GLY C 247 4.76 14.78 -10.74
N ASP C 248 3.78 13.91 -10.94
CA ASP C 248 3.53 13.38 -12.27
C ASP C 248 2.53 14.24 -13.03
N GLN C 249 2.28 13.92 -14.30
CA GLN C 249 1.39 14.72 -15.13
C GLN C 249 -0.08 14.73 -14.73
N THR C 250 -0.45 13.81 -13.85
CA THR C 250 -1.82 13.76 -13.34
C THR C 250 -1.73 13.25 -11.91
N TYR C 251 -2.84 13.29 -11.19
CA TYR C 251 -2.87 12.88 -9.80
C TYR C 251 -2.68 11.39 -9.53
N SER C 252 -2.24 11.09 -8.31
CA SER C 252 -2.04 9.72 -7.87
C SER C 252 -3.33 9.35 -7.17
N GLU C 253 -3.50 8.07 -6.86
CA GLU C 253 -4.69 7.64 -6.16
C GLU C 253 -4.36 6.54 -5.14
N LYS C 254 -4.97 6.67 -3.96
CA LYS C 254 -4.81 5.70 -2.89
C LYS C 254 -6.08 5.75 -2.04
N PRO C 255 -6.30 4.73 -1.20
CA PRO C 255 -7.49 4.69 -0.36
C PRO C 255 -7.64 5.83 0.65
N GLY C 256 -8.87 6.28 0.84
CA GLY C 256 -9.17 7.33 1.81
C GLY C 256 -10.02 6.70 2.89
N HIS C 257 -10.77 7.51 3.64
CA HIS C 257 -11.63 6.97 4.70
C HIS C 257 -12.89 6.40 4.06
N THR C 258 -13.47 5.37 4.67
CA THR C 258 -14.72 4.85 4.13
C THR C 258 -15.78 5.83 4.63
N PHE C 259 -16.75 6.13 3.77
CA PHE C 259 -17.80 7.08 4.12
C PHE C 259 -19.13 6.37 4.28
N ALA C 260 -19.82 6.65 5.38
CA ALA C 260 -21.11 6.02 5.66
C ALA C 260 -22.30 6.79 5.11
N LEU C 261 -23.16 6.07 4.39
CA LEU C 261 -24.37 6.67 3.82
C LEU C 261 -25.38 6.84 4.95
N THR C 262 -26.34 7.74 4.77
CA THR C 262 -27.34 8.01 5.80
C THR C 262 -28.77 7.73 5.38
N THR C 263 -29.03 7.75 4.07
CA THR C 263 -30.38 7.53 3.58
C THR C 263 -30.45 6.51 2.46
N ASN C 264 -31.62 5.90 2.27
CA ASN C 264 -31.80 4.92 1.22
C ASN C 264 -32.16 5.61 -0.08
N PHE C 265 -31.45 5.26 -1.15
CA PHE C 265 -31.68 5.85 -2.46
C PHE C 265 -33.11 5.58 -2.93
N ASP C 266 -33.61 4.40 -2.63
CA ASP C 266 -34.97 4.02 -3.02
C ASP C 266 -35.97 4.98 -2.41
N ASP C 267 -36.06 4.98 -1.08
CA ASP C 267 -36.97 5.85 -0.35
C ASP C 267 -36.35 7.24 -0.30
N LEU C 268 -36.47 7.98 -1.40
CA LEU C 268 -35.89 9.31 -1.46
C LEU C 268 -36.80 10.29 -2.19
N VAL C 269 -37.28 11.31 -1.47
CA VAL C 269 -38.15 12.32 -2.04
C VAL C 269 -37.34 13.58 -2.30
N SER C 270 -36.94 13.78 -3.56
CA SER C 270 -36.13 14.93 -3.94
C SER C 270 -36.80 16.26 -3.64
N SER C 271 -38.14 16.26 -3.58
CA SER C 271 -38.87 17.49 -3.30
C SER C 271 -38.74 17.86 -1.83
N SER C 272 -38.17 16.95 -1.04
CA SER C 272 -37.98 17.17 0.39
C SER C 272 -36.65 17.86 0.67
N TYR C 273 -35.86 18.06 -0.37
CA TYR C 273 -34.55 18.70 -0.22
C TYR C 273 -34.51 20.10 -0.80
N ASP C 274 -33.65 20.94 -0.24
CA ASP C 274 -33.52 22.31 -0.68
C ASP C 274 -32.32 22.48 -1.61
N ALA C 275 -31.41 21.52 -1.59
CA ALA C 275 -30.21 21.60 -2.44
C ALA C 275 -29.57 20.23 -2.69
N LEU C 276 -28.79 20.17 -3.75
CA LEU C 276 -28.11 18.94 -4.14
C LEU C 276 -26.61 19.20 -4.24
N VAL C 277 -25.81 18.27 -3.73
CA VAL C 277 -24.36 18.40 -3.79
C VAL C 277 -23.78 17.13 -4.42
N ILE C 278 -22.84 17.31 -5.34
CA ILE C 278 -22.22 16.17 -6.01
C ILE C 278 -20.72 16.13 -5.85
N PRO C 279 -20.21 15.23 -4.99
CA PRO C 279 -18.78 15.11 -4.76
C PRO C 279 -18.09 14.63 -6.04
N GLY C 280 -16.80 14.91 -6.16
CA GLY C 280 -16.05 14.48 -7.33
C GLY C 280 -15.43 13.12 -7.07
N GLY C 281 -14.36 12.81 -7.77
CA GLY C 281 -13.71 11.51 -7.62
C GLY C 281 -14.12 10.62 -8.77
N ARG C 282 -14.06 9.30 -8.56
CA ARG C 282 -14.40 8.36 -9.62
C ARG C 282 -15.85 7.85 -9.58
N ALA C 283 -16.62 8.30 -8.59
CA ALA C 283 -18.01 7.87 -8.47
C ALA C 283 -18.88 8.48 -9.57
N PRO C 284 -18.70 9.77 -9.88
CA PRO C 284 -19.49 10.43 -10.91
C PRO C 284 -19.57 9.73 -12.26
N GLU C 285 -18.45 9.18 -12.75
CA GLU C 285 -18.49 8.54 -14.05
C GLU C 285 -19.45 7.36 -14.13
N TYR C 286 -19.65 6.63 -13.04
CA TYR C 286 -20.58 5.50 -13.11
C TYR C 286 -21.99 5.91 -12.64
N LEU C 287 -22.07 6.90 -11.78
CA LEU C 287 -23.38 7.38 -11.32
C LEU C 287 -24.08 8.05 -12.49
N ALA C 288 -23.30 8.60 -13.41
CA ALA C 288 -23.83 9.28 -14.58
C ALA C 288 -24.57 8.31 -15.51
N LEU C 289 -24.38 7.01 -15.28
CA LEU C 289 -25.04 5.99 -16.10
C LEU C 289 -26.37 5.57 -15.49
N ASN C 290 -26.56 5.91 -14.22
CA ASN C 290 -27.79 5.57 -13.51
C ASN C 290 -28.93 6.54 -13.83
N GLU C 291 -29.94 6.06 -14.55
CA GLU C 291 -31.07 6.88 -14.93
C GLU C 291 -31.79 7.53 -13.75
N HIS C 292 -31.86 6.82 -12.63
CA HIS C 292 -32.52 7.34 -11.45
C HIS C 292 -31.76 8.55 -10.92
N VAL C 293 -30.43 8.51 -11.02
CA VAL C 293 -29.59 9.61 -10.56
C VAL C 293 -29.81 10.82 -11.47
N LEU C 294 -29.87 10.58 -12.77
CA LEU C 294 -30.07 11.66 -13.73
C LEU C 294 -31.42 12.34 -13.50
N ASN C 295 -32.42 11.54 -13.14
CA ASN C 295 -33.76 12.07 -12.88
C ASN C 295 -33.75 13.05 -11.72
N ILE C 296 -32.99 12.73 -10.68
CA ILE C 296 -32.88 13.58 -9.50
C ILE C 296 -32.25 14.92 -9.87
N VAL C 297 -31.21 14.86 -10.70
CA VAL C 297 -30.53 16.06 -11.14
C VAL C 297 -31.45 16.97 -11.97
N LYS C 298 -32.18 16.35 -12.89
CA LYS C 298 -33.10 17.09 -13.75
C LYS C 298 -34.18 17.78 -12.91
N GLU C 299 -34.63 17.09 -11.88
CA GLU C 299 -35.65 17.62 -10.98
C GLU C 299 -35.17 18.88 -10.28
N PHE C 300 -34.00 18.82 -9.65
CA PHE C 300 -33.45 19.98 -8.95
C PHE C 300 -33.18 21.12 -9.92
N MET C 301 -32.67 20.79 -11.09
CA MET C 301 -32.38 21.81 -12.10
C MET C 301 -33.65 22.47 -12.58
N ASN C 302 -34.71 21.69 -12.74
CA ASN C 302 -35.99 22.23 -13.19
C ASN C 302 -36.64 23.07 -12.10
N SER C 303 -36.60 22.58 -10.86
CA SER C 303 -37.16 23.29 -9.73
C SER C 303 -36.30 24.51 -9.40
N GLU C 304 -35.18 24.64 -10.11
CA GLU C 304 -34.23 25.72 -9.91
C GLU C 304 -33.67 25.76 -8.50
N LYS C 305 -33.56 24.60 -7.87
CA LYS C 305 -33.01 24.50 -6.53
C LYS C 305 -31.48 24.50 -6.65
N PRO C 306 -30.79 25.04 -5.63
CA PRO C 306 -29.32 25.07 -5.69
C PRO C 306 -28.69 23.70 -5.91
N VAL C 307 -27.77 23.64 -6.86
CA VAL C 307 -27.06 22.40 -7.18
C VAL C 307 -25.57 22.75 -7.19
N ALA C 308 -24.81 22.05 -6.35
CA ALA C 308 -23.38 22.29 -6.25
C ALA C 308 -22.62 21.03 -6.65
N SER C 309 -21.85 21.13 -7.72
CA SER C 309 -21.08 19.98 -8.21
C SER C 309 -19.62 20.37 -8.28
N ILE C 310 -18.73 19.44 -7.93
CA ILE C 310 -17.31 19.75 -7.95
C ILE C 310 -16.42 18.72 -8.62
N HIS C 312 -15.05 16.14 -10.78
CA HIS C 312 -15.66 15.24 -11.77
C HIS C 312 -17.18 15.13 -11.62
N GLY C 313 -17.71 15.68 -10.54
CA GLY C 313 -19.15 15.60 -10.32
C GLY C 313 -19.94 16.07 -11.54
N GLN C 314 -19.38 17.04 -12.25
CA GLN C 314 -20.03 17.60 -13.43
C GLN C 314 -20.32 16.59 -14.53
N GLN C 315 -19.72 15.41 -14.45
CA GLN C 315 -19.96 14.36 -15.45
C GLN C 315 -21.44 13.94 -15.40
N ILE C 316 -22.00 13.97 -14.20
CA ILE C 316 -23.40 13.60 -14.01
C ILE C 316 -24.33 14.65 -14.62
N LEU C 317 -23.99 15.93 -14.42
CA LEU C 317 -24.79 17.02 -14.95
C LEU C 317 -24.78 16.98 -16.47
N ALA C 318 -23.61 16.71 -17.03
CA ALA C 318 -23.45 16.62 -18.48
C ALA C 318 -24.31 15.49 -19.03
N ALA C 319 -24.27 14.34 -18.36
CA ALA C 319 -25.04 13.18 -18.81
C ALA C 319 -26.54 13.45 -18.69
N ALA C 320 -26.91 14.28 -17.72
CA ALA C 320 -28.30 14.63 -17.49
C ALA C 320 -28.79 15.66 -18.52
N GLY C 321 -27.84 16.22 -19.27
CA GLY C 321 -28.18 17.21 -20.27
C GLY C 321 -28.66 18.53 -19.70
N VAL C 322 -28.34 18.77 -18.43
CA VAL C 322 -28.75 20.00 -17.76
C VAL C 322 -27.71 21.11 -17.84
N LEU C 323 -26.69 20.92 -18.68
CA LEU C 323 -25.64 21.93 -18.83
C LEU C 323 -25.80 22.80 -20.06
N LYS C 324 -26.78 22.48 -20.91
CA LYS C 324 -27.01 23.26 -22.11
C LYS C 324 -27.32 24.72 -21.78
N GLY C 325 -26.53 25.63 -22.32
CA GLY C 325 -26.74 27.05 -22.09
C GLY C 325 -26.37 27.51 -20.70
N ARG C 326 -25.61 26.69 -19.98
CA ARG C 326 -25.20 27.05 -18.62
C ARG C 326 -23.69 27.28 -18.54
N LYS C 327 -23.27 28.13 -17.61
CA LYS C 327 -21.85 28.43 -17.44
C LYS C 327 -21.35 27.69 -16.21
N CYS C 328 -20.22 27.00 -16.33
CA CYS C 328 -19.67 26.27 -15.20
C CYS C 328 -18.24 25.82 -15.42
N THR C 329 -17.60 25.41 -14.32
CA THR C 329 -16.24 24.92 -14.37
C THR C 329 -16.28 23.46 -13.90
N ALA C 330 -15.12 22.83 -13.84
CA ALA C 330 -15.03 21.44 -13.41
C ALA C 330 -13.55 21.08 -13.41
N TYR C 331 -13.23 19.84 -13.06
CA TYR C 331 -11.84 19.42 -13.10
C TYR C 331 -11.39 19.70 -14.54
N PRO C 332 -10.17 20.23 -14.72
CA PRO C 332 -9.67 20.54 -16.07
C PRO C 332 -10.07 19.53 -17.15
N ALA C 333 -9.80 18.25 -16.91
CA ALA C 333 -10.12 17.21 -17.87
C ALA C 333 -11.61 17.15 -18.20
N VAL C 334 -12.45 17.42 -17.21
CA VAL C 334 -13.89 17.37 -17.38
C VAL C 334 -14.44 18.47 -18.32
N LYS C 335 -13.55 19.33 -18.80
CA LYS C 335 -13.97 20.37 -19.73
C LYS C 335 -14.60 19.70 -20.94
N LEU C 336 -14.04 18.55 -21.33
CA LEU C 336 -14.55 17.79 -22.45
C LEU C 336 -16.02 17.50 -22.26
N ASN C 337 -16.35 16.97 -21.09
CA ASN C 337 -17.73 16.62 -20.75
C ASN C 337 -18.65 17.84 -20.74
N VAL C 338 -18.19 18.93 -20.14
CA VAL C 338 -18.98 20.16 -20.06
C VAL C 338 -19.29 20.70 -21.45
N VAL C 339 -18.26 20.88 -22.27
CA VAL C 339 -18.44 21.39 -23.62
C VAL C 339 -19.30 20.45 -24.46
N LEU C 340 -19.06 19.15 -24.33
CA LEU C 340 -19.85 18.18 -25.09
C LEU C 340 -21.30 18.23 -24.63
N GLY C 341 -21.52 18.75 -23.43
CA GLY C 341 -22.86 18.84 -22.89
C GLY C 341 -23.59 20.12 -23.30
N GLY C 342 -22.89 20.99 -24.03
CA GLY C 342 -23.49 22.23 -24.47
C GLY C 342 -23.35 23.37 -23.46
N GLY C 343 -22.39 23.25 -22.56
CA GLY C 343 -22.19 24.28 -21.57
C GLY C 343 -21.03 25.22 -21.89
N THR C 344 -21.00 26.36 -21.21
CA THR C 344 -19.94 27.34 -21.40
C THR C 344 -18.87 27.09 -20.35
N TRP C 345 -17.64 26.86 -20.80
CA TRP C 345 -16.54 26.59 -19.90
C TRP C 345 -15.94 27.81 -19.21
N LEU C 346 -15.75 27.70 -17.90
CA LEU C 346 -15.16 28.75 -17.10
C LEU C 346 -13.84 28.19 -16.58
N GLU C 347 -12.74 28.84 -16.95
CA GLU C 347 -11.40 28.41 -16.56
C GLU C 347 -11.20 28.39 -15.05
N PRO C 348 -10.88 27.21 -14.48
CA PRO C 348 -10.66 27.06 -13.04
C PRO C 348 -9.25 27.51 -12.63
N ASP C 349 -8.97 28.79 -12.79
CA ASP C 349 -7.65 29.33 -12.42
C ASP C 349 -7.82 30.62 -11.62
N PRO C 350 -7.35 30.61 -10.35
CA PRO C 350 -6.70 29.49 -9.67
C PRO C 350 -7.61 28.26 -9.50
N ILE C 351 -6.99 27.12 -9.21
CA ILE C 351 -7.72 25.87 -9.05
C ILE C 351 -8.74 25.87 -7.91
N ASP C 352 -8.61 26.80 -6.97
CA ASP C 352 -9.52 26.87 -5.85
C ASP C 352 -10.68 27.84 -6.08
N ARG C 353 -10.80 28.34 -7.31
CA ARG C 353 -11.86 29.26 -7.66
C ARG C 353 -13.13 28.50 -8.03
N CYS C 354 -14.29 29.03 -7.61
CA CYS C 354 -15.57 28.42 -7.92
C CYS C 354 -16.46 29.45 -8.60
N PHE C 355 -17.48 28.97 -9.30
CA PHE C 355 -18.38 29.85 -10.02
C PHE C 355 -19.84 29.57 -9.71
N THR C 356 -20.66 30.61 -9.81
CA THR C 356 -22.08 30.50 -9.58
C THR C 356 -22.81 30.97 -10.83
N ASP C 357 -23.69 30.12 -11.36
CA ASP C 357 -24.47 30.42 -12.54
C ASP C 357 -25.91 30.10 -12.18
N GLY C 358 -26.65 31.12 -11.76
CA GLY C 358 -28.03 30.89 -11.38
C GLY C 358 -28.05 29.96 -10.17
N ASN C 359 -28.70 28.82 -10.31
CA ASN C 359 -28.81 27.85 -9.23
C ASN C 359 -27.65 26.86 -9.23
N LEU C 360 -26.72 27.03 -10.16
CA LEU C 360 -25.60 26.10 -10.28
C LEU C 360 -24.26 26.62 -9.77
N VAL C 361 -23.68 25.90 -8.81
CA VAL C 361 -22.38 26.26 -8.26
C VAL C 361 -21.41 25.14 -8.64
N THR C 362 -20.29 25.50 -9.25
CA THR C 362 -19.31 24.50 -9.65
C THR C 362 -17.90 24.79 -9.19
N GLY C 363 -17.21 23.71 -8.81
CA GLY C 363 -15.83 23.79 -8.36
C GLY C 363 -15.00 22.88 -9.26
N ALA C 364 -13.69 23.03 -9.20
CA ALA C 364 -12.80 22.23 -10.04
C ALA C 364 -12.07 21.10 -9.32
N ALA C 365 -11.72 21.32 -8.06
CA ALA C 365 -10.99 20.33 -7.27
C ALA C 365 -11.13 20.64 -5.79
N TRP C 366 -10.65 19.75 -4.93
CA TRP C 366 -10.80 19.99 -3.50
C TRP C 366 -10.21 21.29 -2.93
N PRO C 367 -9.19 21.87 -3.59
CA PRO C 367 -8.66 23.11 -3.02
C PRO C 367 -9.71 24.22 -3.02
N GLY C 368 -10.75 24.06 -3.85
CA GLY C 368 -11.80 25.07 -3.94
C GLY C 368 -12.99 24.94 -3.01
N HIS C 369 -12.90 24.08 -2.00
CA HIS C 369 -14.03 23.90 -1.07
C HIS C 369 -14.50 25.17 -0.35
N PRO C 370 -13.58 26.07 0.04
CA PRO C 370 -14.05 27.28 0.72
C PRO C 370 -15.05 28.06 -0.12
N GLU C 371 -14.71 28.33 -1.38
CA GLU C 371 -15.62 29.07 -2.25
C GLU C 371 -16.81 28.20 -2.63
N PHE C 372 -16.59 26.90 -2.75
CA PHE C 372 -17.65 25.95 -3.09
C PHE C 372 -18.76 26.04 -2.05
N VAL C 373 -18.38 25.86 -0.78
CA VAL C 373 -19.34 25.92 0.31
C VAL C 373 -19.90 27.34 0.48
N SER C 374 -19.02 28.34 0.38
CA SER C 374 -19.42 29.73 0.53
C SER C 374 -20.48 30.14 -0.50
N GLN C 375 -20.26 29.78 -1.76
CA GLN C 375 -21.21 30.13 -2.81
C GLN C 375 -22.51 29.36 -2.68
N LEU C 376 -22.45 28.13 -2.16
CA LEU C 376 -23.66 27.35 -1.98
C LEU C 376 -24.47 28.00 -0.85
N MET C 377 -23.75 28.46 0.17
CA MET C 377 -24.38 29.13 1.31
C MET C 377 -25.15 30.36 0.84
N ALA C 378 -24.52 31.13 -0.05
CA ALA C 378 -25.13 32.34 -0.58
C ALA C 378 -26.48 32.02 -1.24
N LEU C 379 -26.49 31.00 -2.10
CA LEU C 379 -27.71 30.60 -2.79
C LEU C 379 -28.79 30.11 -1.82
N LEU C 380 -28.37 29.46 -0.75
CA LEU C 380 -29.31 28.94 0.24
C LEU C 380 -29.73 30.00 1.27
N GLY C 381 -29.05 31.14 1.23
CA GLY C 381 -29.37 32.21 2.16
C GLY C 381 -28.83 31.97 3.56
N ILE C 382 -27.83 31.11 3.68
CA ILE C 382 -27.21 30.80 4.97
C ILE C 382 -26.08 31.79 5.21
N GLN C 383 -26.07 32.40 6.40
CA GLN C 383 -25.04 33.37 6.73
C GLN C 383 -24.42 33.15 8.09
N VAL C 384 -23.14 33.49 8.19
CA VAL C 384 -22.40 33.41 9.45
C VAL C 384 -21.94 34.84 9.65
N SER C 385 -22.41 35.46 10.73
CA SER C 385 -22.07 36.83 11.03
C SER C 385 -21.37 36.96 12.37
N PHE C 386 -20.24 37.64 12.38
CA PHE C 386 -19.49 37.81 13.63
C PHE C 386 -19.88 39.14 14.28
N HIS C 387 -21.00 39.11 15.01
CA HIS C 387 -21.51 40.29 15.67
C HIS C 387 -21.71 40.10 17.18
N HIS C 388 -21.42 38.90 17.67
CA HIS C 388 -21.60 38.62 19.09
C HIS C 388 -20.30 38.73 19.89
#